data_8RAN
#
_entry.id   8RAN
#
_cell.length_a   1.00
_cell.length_b   1.00
_cell.length_c   1.00
_cell.angle_alpha   90.00
_cell.angle_beta   90.00
_cell.angle_gamma   90.00
#
_symmetry.space_group_name_H-M   'P 1'
#
loop_
_entity.id
_entity.type
_entity.pdbx_description
1 polymer 'Helicase SEN1'
2 polymer RNA
#
loop_
_entity_poly.entity_id
_entity_poly.type
_entity_poly.pdbx_seq_one_letter_code
_entity_poly.pdbx_strand_id
1 'polypeptide(L)'
;MNSNNPDNNNSNNINNNNKDKDIAPNSDVQLATVYTKAKSYIPQIEQVYQGTNPNIQEAKLLGELLQVLAEVPKGTHLFC
DPILEPISIFSLTIFSFNEEATATWLKNHFNPILSVCDKCILNFARGKCKMLQHFAIQRHVPHEHVAKFNDIVCQWRVEA
VFPILRNISVNDNTGINITNEIETAMYECLCNPHMLRLNKQLKATFEAIFKFFYDTKHRLLDVTNPLSIKTFISGVIFCW
CEGSKEENEWSRAFLKDLYSRNFHINLSNLTPDIIEEVYIHILFLQNPANWTEIVVSQFWSRLLPVFNLFDKDVFIEYFQ
VPKNVESLKKTFKFPLEPIFKMWYNHLSKSYHDKPLDFLLRGLTMFLNKFGSEFWSKIEPFTFHSILDIIFNRDSFPIKL
IKIQDNPIVEHQTEVYFQLTGSVTDLLSWTLPFYHALSPSKRIQMVRKVSMAFLRIIANYPSLKSIPKACLMNSATALLR
AVLTIKENERAMLYKNDEFETVLLTKTDSRALLNNPLIQDIIIRSASNPNDFYPGLGAASASVATSTMMVLAECIDFDIL
LLCHRTFKLYSGKPISEIPISTNVLENVTNKIDLRSFHDGPLLAKQLLVSLKNINGLLIVPSNTAVAEAHNALNQKFLLL
STRLMEKFADILPGQLSKILADEDASQGFWSCIFSSDKHLYQAATNILYNTFDVEGRLEGILAILNSNLTVNLKNINVML
QRLINCEFYEPCPRAVRVLMDVVSAFVDPISGVFANFQTLKSQNTEKEFLKFWESCWLFLDTIYKFTLKWASKYDYSELE
NFTKDTLDLSRSLVDSFREFSDILHDQTKNLLLNVLETFKNMLYWLRLSDEVLLESCVRLIISTSDLAHEKHVKVDDSLV
EMMAKYASKAKRFSNKLTEQQASEILQKAKIFNKALTEEVATEAENYRKEKELSRLGKVIDLTDSVPASPSLSPSLSSTI
ASSSAESRADYLQRKALSSSITGRPRVAQPKITSFGTFQSSANAKLHRTKPVKPLSKMELARMQLLNNRVVHPPSAPAFH
TKSRGLSNKNDDSSSEESDNDIESARELFAIAKAKGKGIQTVDINGKVVKRQTAAELAKQELEHMRKRLNVDMNPLYEII
LQWDYTRNSEYPDDEPIGNYSDVKDFFNSPADYQKVMKPLLLLESWQGLCSSRDREDYKPFSIIVGNRTAVSDFYDVYAS
VAKQVIQDCGISESDLIVMAYLPDFRPDKRLSSDDFKKAQHTCLAKVRTLKNTKGGNVDVTLRIHRNHSFSKFLTLRSEI
YCVKVMQMTTIEREYSTLEGLEYYDLVGQILQAKPSPPVNVDAAEIETVKKSYKLNTSQAEAIVNSVSKEGFSLIQGPPG
TGKTKTILGIIGYFLSTKNASSSNVIKVPLEKNSSNTEQLLKKQKILICAPSNAAVDEICLRLKSGVYDKQGHQFKPQLV
RVGRSDVVNVAIKDLTLEELVDKRIGERNYEIRTDPELERKFNNAVTKRRELRGKLDSESGNPESPMSTEDISKLQLKIR
ELSKIINELGRDRDEMREKNSVNYRNRDLDRRNAQAHILAVSDIICSTLSGSAHDVLATMGIKFDTVIIDEACQCTELSS
IIPLRYGGKRCIMVGDPNQLPPTVLSGAASNFKYNQSLFVRMEKNSSPYLLDVQYRMHPSISKFPSSEFYQGRLKDGPGM
DILNKRPWHQLEPLAPYKFFDIISGRQEQNAKTMSYTNMEEIRVAIELVDYLFRKFDNKIDFTGKIGIISPYREQMQKMR
KEFARYFGGMINKSIDFNTIDGFQGQEKEIILISCVRADDTKSSVGFLKDFRRMNVALTRAKTSIWVLGHQRSLAKSKLW
RDLIEDAKDRSCLAYACSGFLDPRNNRAQSILRKFNVPVPSEQEDDYKLPMEYITQGPDEVKSNKDTKKRRVVDEGEEAD
KAVKKKKKEKKKEKKKSKADDKKKNNKKAESPSTSSGTKKKSSIFGGMSVPSAVVPKTFPDVDSNKKAAAVVGKKKNNKH
VCFSDDVSFIPRNDEPEIKVTRSLSSVLKEKQLGLKETRTISPPEISNNEDDDDEDDYTPSISDSSLMKSEANGRNNRVA
SHNQNFSASIYDDPQVSQAKQTQVPAAITKHRSSNSVLSGGSSRILTASDYGEPNQNGQNGANRTLSQHVGNANQYSTAP
VGTGELHETLPAHPQDSYPAEAEDPYDLNPHPQPQSSAFKGPGSGPTGTRNSSRRNASSSPFIPKKRKPRS
;
O
2 'polyribonucleotide' AGUCGUGCGUCUAAUAACCGGAGAGGGAACCCACU P
#
loop_
_chem_comp.id
_chem_comp.type
_chem_comp.name
_chem_comp.formula
A RNA linking ADENOSINE-5'-MONOPHOSPHATE 'C10 H14 N5 O7 P'
C RNA linking CYTIDINE-5'-MONOPHOSPHATE 'C9 H14 N3 O8 P'
G RNA linking GUANOSINE-5'-MONOPHOSPHATE 'C10 H14 N5 O8 P'
U RNA linking URIDINE-5'-MONOPHOSPHATE 'C9 H13 N2 O9 P'
#
# COMPACT_ATOMS: atom_id res chain seq x y z
N ALA A 1095 33.80 3.66 -23.83
CA ALA A 1095 33.37 4.36 -25.03
C ALA A 1095 32.48 5.54 -24.67
N GLU A 1096 32.10 6.32 -25.69
CA GLU A 1096 31.25 7.48 -25.46
C GLU A 1096 29.89 7.06 -24.91
N LEU A 1097 29.32 5.99 -25.46
CA LEU A 1097 28.02 5.52 -24.97
C LEU A 1097 28.10 5.09 -23.51
N ALA A 1098 29.19 4.39 -23.14
CA ALA A 1098 29.35 3.97 -21.76
C ALA A 1098 29.49 5.19 -20.84
N LYS A 1099 30.24 6.20 -21.27
CA LYS A 1099 30.39 7.41 -20.46
C LYS A 1099 29.04 8.10 -20.28
N GLN A 1100 28.26 8.21 -21.36
CA GLN A 1100 26.95 8.84 -21.25
C GLN A 1100 26.03 8.05 -20.32
N GLU A 1101 26.05 6.73 -20.42
CA GLU A 1101 25.22 5.91 -19.55
C GLU A 1101 25.63 6.09 -18.08
N LEU A 1102 26.94 6.12 -17.82
CA LEU A 1102 27.41 6.30 -16.45
C LEU A 1102 27.00 7.67 -15.92
N GLU A 1103 27.11 8.71 -16.74
CA GLU A 1103 26.70 10.04 -16.31
C GLU A 1103 25.21 10.09 -16.02
N HIS A 1104 24.40 9.46 -16.89
CA HIS A 1104 22.96 9.44 -16.66
C HIS A 1104 22.62 8.70 -15.37
N MET A 1105 23.28 7.56 -15.12
CA MET A 1105 23.03 6.83 -13.89
C MET A 1105 23.43 7.65 -12.66
N ARG A 1106 24.58 8.33 -12.73
CA ARG A 1106 25.00 9.16 -11.61
C ARG A 1106 24.01 10.29 -11.36
N LYS A 1107 23.53 10.94 -12.43
CA LYS A 1107 22.56 12.01 -12.26
C LYS A 1107 21.26 11.48 -11.65
N ARG A 1108 20.80 10.33 -12.11
CA ARG A 1108 19.56 9.76 -11.57
C ARG A 1108 19.72 9.38 -10.10
N LEU A 1109 20.88 8.85 -9.73
CA LEU A 1109 21.13 8.42 -8.36
C LEU A 1109 21.65 9.54 -7.46
N ASN A 1110 21.85 10.74 -8.00
CA ASN A 1110 22.38 11.88 -7.25
C ASN A 1110 21.55 13.12 -7.53
N VAL A 1111 20.24 13.00 -7.48
CA VAL A 1111 19.34 14.13 -7.71
C VAL A 1111 19.28 14.98 -6.45
N ASP A 1112 19.54 16.27 -6.61
CA ASP A 1112 19.52 17.18 -5.46
C ASP A 1112 18.09 17.35 -4.95
N MET A 1113 17.95 17.38 -3.63
CA MET A 1113 16.66 17.56 -2.98
C MET A 1113 16.41 19.01 -2.57
N ASN A 1114 17.33 19.92 -2.89
CA ASN A 1114 17.18 21.31 -2.43
C ASN A 1114 15.89 21.96 -2.92
N PRO A 1115 15.50 21.83 -4.19
CA PRO A 1115 14.22 22.45 -4.59
C PRO A 1115 13.04 21.94 -3.81
N LEU A 1116 13.01 20.63 -3.51
CA LEU A 1116 11.90 20.08 -2.74
C LEU A 1116 11.88 20.67 -1.33
N TYR A 1117 13.04 20.80 -0.70
CA TYR A 1117 13.09 21.41 0.62
C TYR A 1117 12.62 22.86 0.57
N GLU A 1118 13.06 23.60 -0.45
CA GLU A 1118 12.66 25.00 -0.58
C GLU A 1118 11.14 25.12 -0.73
N ILE A 1119 10.54 24.25 -1.56
CA ILE A 1119 9.10 24.31 -1.77
C ILE A 1119 8.36 23.93 -0.49
N ILE A 1120 8.78 22.86 0.18
CA ILE A 1120 8.05 22.36 1.34
C ILE A 1120 8.15 23.34 2.50
N LEU A 1121 9.36 23.84 2.78
CA LEU A 1121 9.57 24.65 3.97
C LEU A 1121 8.81 25.97 3.93
N GLN A 1122 8.44 26.45 2.73
CA GLN A 1122 7.66 27.67 2.63
C GLN A 1122 6.23 27.50 3.13
N TRP A 1123 5.77 26.26 3.32
CA TRP A 1123 4.41 26.03 3.79
C TRP A 1123 4.28 26.44 5.25
N ASP A 1124 3.04 26.76 5.64
CA ASP A 1124 2.71 27.13 7.01
C ASP A 1124 2.03 25.95 7.69
N TYR A 1125 2.60 25.49 8.79
CA TYR A 1125 2.02 24.35 9.50
C TYR A 1125 0.63 24.68 10.04
N THR A 1126 0.47 25.88 10.61
CA THR A 1126 -0.83 26.25 11.17
C THR A 1126 -1.90 26.42 10.11
N ARG A 1127 -1.51 26.58 8.84
CA ARG A 1127 -2.50 26.75 7.78
C ARG A 1127 -3.42 25.53 7.70
N ASN A 1128 -4.71 25.78 7.61
CA ASN A 1128 -5.74 24.74 7.51
C ASN A 1128 -6.53 25.00 6.23
N SER A 1129 -6.06 24.43 5.12
CA SER A 1129 -6.72 24.62 3.84
C SER A 1129 -6.49 23.38 2.98
N GLU A 1130 -7.34 23.24 1.95
CA GLU A 1130 -7.23 22.10 1.06
C GLU A 1130 -5.94 22.10 0.24
N TYR A 1131 -5.30 23.26 0.11
CA TYR A 1131 -4.08 23.39 -0.66
C TYR A 1131 -3.00 24.06 0.17
N PRO A 1132 -1.73 23.76 -0.09
CA PRO A 1132 -0.65 24.38 0.71
C PRO A 1132 -0.61 25.89 0.61
N ASP A 1133 -0.97 26.45 -0.54
CA ASP A 1133 -0.90 27.90 -0.76
C ASP A 1133 -2.25 28.39 -1.29
N ASP A 1134 -2.33 29.69 -1.54
CA ASP A 1134 -3.54 30.32 -2.05
C ASP A 1134 -3.46 30.62 -3.53
N GLU A 1135 -2.60 29.90 -4.27
CA GLU A 1135 -2.44 30.14 -5.69
C GLU A 1135 -3.72 29.74 -6.43
N PRO A 1136 -3.94 30.29 -7.62
CA PRO A 1136 -5.15 29.95 -8.37
C PRO A 1136 -5.23 28.45 -8.64
N ILE A 1137 -6.47 27.93 -8.58
CA ILE A 1137 -6.68 26.50 -8.81
C ILE A 1137 -6.31 26.10 -10.22
N GLY A 1138 -6.32 27.05 -11.17
CA GLY A 1138 -6.03 26.74 -12.56
C GLY A 1138 -4.66 26.15 -12.78
N ASN A 1139 -3.71 26.40 -11.87
CA ASN A 1139 -2.36 25.86 -12.05
C ASN A 1139 -2.38 24.33 -12.07
N TYR A 1140 -3.16 23.72 -11.18
CA TYR A 1140 -3.28 22.27 -11.17
C TYR A 1140 -3.96 21.78 -12.44
N SER A 1141 -3.45 20.68 -13.00
CA SER A 1141 -3.99 20.09 -14.20
C SER A 1141 -4.11 18.59 -14.04
N ASP A 1142 -5.12 18.01 -14.69
CA ASP A 1142 -5.32 16.58 -14.64
C ASP A 1142 -4.19 15.85 -15.36
N VAL A 1143 -3.93 14.61 -14.94
CA VAL A 1143 -2.87 13.80 -15.53
C VAL A 1143 -3.22 13.54 -16.99
N LYS A 1144 -2.43 14.10 -17.90
CA LYS A 1144 -2.68 13.93 -19.32
C LYS A 1144 -2.32 12.52 -19.77
N ASP A 1145 -3.14 11.95 -20.66
CA ASP A 1145 -2.85 10.62 -21.18
C ASP A 1145 -1.55 10.61 -21.96
N PHE A 1146 -1.31 11.64 -22.77
CA PHE A 1146 -0.10 11.77 -23.57
C PHE A 1146 0.65 13.02 -23.14
N PHE A 1147 1.95 12.89 -22.95
CA PHE A 1147 2.82 14.00 -22.54
C PHE A 1147 3.73 14.37 -23.70
N ASN A 1148 3.70 15.64 -24.09
CA ASN A 1148 4.49 16.08 -25.23
C ASN A 1148 5.99 15.94 -24.96
N SER A 1149 6.44 16.30 -23.77
CA SER A 1149 7.85 16.28 -23.43
C SER A 1149 8.00 16.08 -21.94
N PRO A 1150 9.18 15.68 -21.46
CA PRO A 1150 9.36 15.49 -20.01
C PRO A 1150 9.06 16.74 -19.21
N ALA A 1151 9.33 17.93 -19.75
CA ALA A 1151 9.08 19.16 -19.01
C ALA A 1151 7.60 19.31 -18.69
N ASP A 1152 6.72 19.04 -19.66
CA ASP A 1152 5.28 19.12 -19.40
C ASP A 1152 4.86 18.11 -18.36
N TYR A 1153 5.40 16.88 -18.44
CA TYR A 1153 5.06 15.86 -17.46
C TYR A 1153 5.46 16.31 -16.05
N GLN A 1154 6.66 16.85 -15.91
CA GLN A 1154 7.12 17.32 -14.60
C GLN A 1154 6.24 18.47 -14.11
N LYS A 1155 5.90 19.40 -15.00
CA LYS A 1155 5.07 20.53 -14.60
C LYS A 1155 3.70 20.07 -14.13
N VAL A 1156 3.14 19.06 -14.80
CA VAL A 1156 1.83 18.54 -14.40
C VAL A 1156 1.93 17.79 -13.08
N MET A 1157 2.98 16.99 -12.90
CA MET A 1157 3.06 16.12 -11.73
C MET A 1157 3.44 16.87 -10.47
N LYS A 1158 4.34 17.84 -10.55
CA LYS A 1158 4.86 18.48 -9.34
C LYS A 1158 3.76 19.09 -8.48
N PRO A 1159 2.81 19.86 -9.03
CA PRO A 1159 1.72 20.37 -8.18
C PRO A 1159 0.95 19.27 -7.48
N LEU A 1160 0.70 18.15 -8.17
CA LEU A 1160 -0.02 17.04 -7.54
C LEU A 1160 0.80 16.45 -6.39
N LEU A 1161 2.11 16.29 -6.59
CA LEU A 1161 2.95 15.77 -5.51
C LEU A 1161 2.96 16.71 -4.32
N LEU A 1162 3.04 18.02 -4.58
CA LEU A 1162 3.02 18.99 -3.48
C LEU A 1162 1.68 18.94 -2.75
N LEU A 1163 0.58 18.83 -3.48
CA LEU A 1163 -0.73 18.73 -2.83
C LEU A 1163 -0.82 17.47 -1.98
N GLU A 1164 -0.33 16.35 -2.49
CA GLU A 1164 -0.34 15.12 -1.72
C GLU A 1164 0.50 15.24 -0.46
N SER A 1165 1.68 15.87 -0.58
CA SER A 1165 2.52 16.07 0.59
C SER A 1165 1.84 16.95 1.63
N TRP A 1166 1.19 18.03 1.18
CA TRP A 1166 0.48 18.90 2.11
C TRP A 1166 -0.66 18.17 2.80
N GLN A 1167 -1.41 17.36 2.04
CA GLN A 1167 -2.50 16.61 2.65
C GLN A 1167 -1.97 15.60 3.66
N GLY A 1168 -0.85 14.95 3.34
CA GLY A 1168 -0.24 14.03 4.30
C GLY A 1168 0.22 14.74 5.56
N LEU A 1169 0.79 15.95 5.40
CA LEU A 1169 1.18 16.73 6.57
C LEU A 1169 -0.03 17.07 7.42
N CYS A 1170 -1.13 17.50 6.80
CA CYS A 1170 -2.34 17.81 7.56
C CYS A 1170 -2.88 16.57 8.26
N SER A 1171 -2.87 15.43 7.58
CA SER A 1171 -3.35 14.19 8.19
C SER A 1171 -2.50 13.81 9.40
N SER A 1172 -1.18 13.93 9.28
CA SER A 1172 -0.31 13.65 10.41
C SER A 1172 -0.57 14.62 11.54
N ARG A 1173 -0.79 15.89 11.22
CA ARG A 1173 -1.05 16.89 12.26
C ARG A 1173 -2.33 16.58 13.02
N ASP A 1174 -3.39 16.20 12.30
CA ASP A 1174 -4.71 16.02 12.92
C ASP A 1174 -4.88 14.63 13.52
N ARG A 1175 -4.78 13.59 12.70
CA ARG A 1175 -5.02 12.23 13.17
C ARG A 1175 -4.01 11.84 14.24
N GLU A 1176 -2.74 12.16 14.04
CA GLU A 1176 -1.67 11.74 14.92
C GLU A 1176 -1.14 12.93 15.71
N ASP A 1177 -0.71 12.65 16.95
CA ASP A 1177 -0.16 13.66 17.85
C ASP A 1177 1.18 13.12 18.37
N TYR A 1178 2.27 13.50 17.70
CA TYR A 1178 3.59 13.06 18.12
C TYR A 1178 3.99 13.77 19.41
N LYS A 1179 4.93 13.16 20.12
CA LYS A 1179 5.38 13.70 21.40
C LYS A 1179 6.23 14.95 21.16
N PRO A 1180 5.83 16.11 21.66
CA PRO A 1180 6.67 17.31 21.49
C PRO A 1180 7.94 17.23 22.34
N PHE A 1181 8.93 18.01 21.92
CA PHE A 1181 10.18 18.14 22.65
C PHE A 1181 10.67 19.58 22.53
N SER A 1182 11.78 19.88 23.20
CA SER A 1182 12.35 21.22 23.20
C SER A 1182 13.84 21.13 22.87
N ILE A 1183 14.32 22.16 22.18
CA ILE A 1183 15.72 22.23 21.77
C ILE A 1183 16.26 23.63 22.07
N ILE A 1184 17.59 23.73 22.07
CA ILE A 1184 18.29 24.99 22.30
C ILE A 1184 18.92 25.43 20.99
N VAL A 1185 18.61 26.65 20.57
CA VAL A 1185 19.11 27.15 19.29
C VAL A 1185 20.61 27.40 19.38
N GLY A 1186 21.29 27.23 18.25
CA GLY A 1186 22.71 27.50 18.16
C GLY A 1186 23.06 28.38 16.99
N ASN A 1187 24.30 28.30 16.51
CA ASN A 1187 24.71 29.09 15.36
C ASN A 1187 23.98 28.65 14.11
N ARG A 1188 23.76 29.60 13.20
CA ARG A 1188 23.06 29.35 11.95
C ARG A 1188 24.01 29.50 10.78
N THR A 1189 23.95 28.56 9.84
CA THR A 1189 24.77 28.56 8.64
C THR A 1189 23.89 28.86 7.44
N ALA A 1190 24.29 29.83 6.63
CA ALA A 1190 23.52 30.27 5.47
C ALA A 1190 23.89 29.38 4.29
N VAL A 1191 23.17 28.27 4.13
CA VAL A 1191 23.31 27.41 2.97
C VAL A 1191 22.50 28.03 1.85
N SER A 1192 22.69 27.54 0.62
CA SER A 1192 22.02 28.15 -0.52
C SER A 1192 20.50 28.16 -0.31
N ASP A 1193 19.94 29.35 -0.11
CA ASP A 1193 18.50 29.51 0.09
C ASP A 1193 17.99 28.70 1.27
N PHE A 1194 18.84 28.49 2.28
CA PHE A 1194 18.44 27.74 3.46
C PHE A 1194 19.26 28.20 4.66
N TYR A 1195 18.73 27.94 5.85
CA TYR A 1195 19.45 28.13 7.11
C TYR A 1195 19.55 26.79 7.82
N ASP A 1196 20.77 26.40 8.17
CA ASP A 1196 21.02 25.21 8.96
C ASP A 1196 21.32 25.62 10.39
N VAL A 1197 20.50 25.16 11.32
CA VAL A 1197 20.59 25.54 12.73
C VAL A 1197 21.06 24.32 13.51
N TYR A 1198 22.10 24.50 14.32
CA TYR A 1198 22.63 23.44 15.16
C TYR A 1198 22.03 23.55 16.55
N ALA A 1199 21.41 22.46 17.02
CA ALA A 1199 20.75 22.46 18.32
C ALA A 1199 21.20 21.25 19.11
N SER A 1200 21.25 21.42 20.44
CA SER A 1200 21.63 20.35 21.36
C SER A 1200 20.38 19.83 22.06
N VAL A 1201 20.17 18.51 21.98
CA VAL A 1201 19.00 17.88 22.56
C VAL A 1201 19.43 16.66 23.36
N ALA A 1202 18.56 16.22 24.24
CA ALA A 1202 18.82 15.03 25.05
C ALA A 1202 18.59 13.76 24.23
N LYS A 1203 19.48 12.78 24.42
CA LYS A 1203 19.36 11.53 23.67
C LYS A 1203 18.07 10.80 24.02
N GLN A 1204 17.69 10.79 25.30
CA GLN A 1204 16.47 10.11 25.70
C GLN A 1204 15.24 10.73 25.04
N VAL A 1205 15.21 12.06 24.95
CA VAL A 1205 14.05 12.74 24.38
C VAL A 1205 13.85 12.34 22.92
N ILE A 1206 14.93 12.42 22.13
CA ILE A 1206 14.80 12.10 20.71
C ILE A 1206 14.54 10.60 20.53
N GLN A 1207 15.13 9.77 21.38
CA GLN A 1207 14.85 8.33 21.30
C GLN A 1207 13.37 8.05 21.54
N ASP A 1208 12.78 8.68 22.56
CA ASP A 1208 11.36 8.49 22.82
C ASP A 1208 10.51 9.04 21.67
N CYS A 1209 10.84 10.24 21.18
CA CYS A 1209 10.08 10.81 20.07
C CYS A 1209 10.26 9.99 18.80
N GLY A 1210 11.47 9.53 18.53
CA GLY A 1210 11.74 8.77 17.33
C GLY A 1210 12.12 9.65 16.15
N ILE A 1211 13.09 10.52 16.35
CA ILE A 1211 13.54 11.46 15.33
C ILE A 1211 14.76 10.87 14.62
N SER A 1212 14.69 10.77 13.30
CA SER A 1212 15.77 10.25 12.49
C SER A 1212 16.32 11.36 11.59
N GLU A 1213 17.31 11.00 10.77
CA GLU A 1213 17.97 11.96 9.91
C GLU A 1213 17.10 12.40 8.73
N SER A 1214 15.96 11.75 8.50
CA SER A 1214 15.07 12.06 7.38
C SER A 1214 13.65 12.30 7.88
N ASP A 1215 13.52 13.10 8.93
CA ASP A 1215 12.23 13.41 9.52
C ASP A 1215 11.98 14.92 9.49
N LEU A 1216 10.74 15.29 9.22
CA LEU A 1216 10.33 16.69 9.19
C LEU A 1216 9.70 17.07 10.52
N ILE A 1217 9.99 18.29 10.98
CA ILE A 1217 9.49 18.78 12.26
C ILE A 1217 8.93 20.17 12.07
N VAL A 1218 8.12 20.61 13.04
CA VAL A 1218 7.61 21.96 13.11
C VAL A 1218 8.05 22.56 14.43
N MET A 1219 8.61 23.77 14.38
CA MET A 1219 9.17 24.45 15.54
C MET A 1219 8.37 25.71 15.84
N ALA A 1220 8.30 26.06 17.11
CA ALA A 1220 7.57 27.23 17.54
C ALA A 1220 8.20 27.79 18.81
N TYR A 1221 7.88 29.05 19.09
CA TYR A 1221 8.34 29.76 20.28
C TYR A 1221 7.13 30.12 21.13
N LEU A 1222 7.10 29.64 22.36
CA LEU A 1222 5.97 29.80 23.27
C LEU A 1222 6.46 30.36 24.59
N PRO A 1223 6.70 31.67 24.66
CA PRO A 1223 7.21 32.25 25.92
C PRO A 1223 6.27 32.05 27.10
N ASP A 1224 4.96 32.05 26.86
CA ASP A 1224 3.96 31.91 27.93
C ASP A 1224 3.68 30.45 28.27
N PHE A 1225 4.29 29.50 27.56
CA PHE A 1225 4.03 28.09 27.84
C PHE A 1225 4.51 27.73 29.23
N ARG A 1226 3.59 27.23 30.06
CA ARG A 1226 3.95 26.81 31.40
C ARG A 1226 4.82 25.56 31.34
N PRO A 1227 5.88 25.48 32.15
CA PRO A 1227 6.72 24.26 32.10
C PRO A 1227 5.95 22.99 32.39
N ASP A 1228 4.98 23.04 33.30
CA ASP A 1228 4.22 21.85 33.67
C ASP A 1228 3.10 21.54 32.69
N LYS A 1229 2.75 22.47 31.81
CA LYS A 1229 1.67 22.22 30.86
C LYS A 1229 2.02 21.08 29.93
N ARG A 1230 1.03 20.24 29.62
CA ARG A 1230 1.22 19.09 28.74
C ARG A 1230 1.19 19.58 27.30
N LEU A 1231 2.37 19.83 26.73
CA LEU A 1231 2.44 20.30 25.35
C LEU A 1231 1.93 19.24 24.40
N SER A 1232 1.19 19.68 23.39
CA SER A 1232 0.59 18.76 22.41
C SER A 1232 0.54 19.46 21.07
N SER A 1233 0.22 18.67 20.03
CA SER A 1233 0.15 19.21 18.68
C SER A 1233 -0.92 20.29 18.55
N ASP A 1234 -1.90 20.32 19.46
CA ASP A 1234 -2.91 21.37 19.40
C ASP A 1234 -2.29 22.75 19.60
N ASP A 1235 -1.33 22.86 20.53
CA ASP A 1235 -0.65 24.14 20.74
C ASP A 1235 0.11 24.56 19.50
N PHE A 1236 0.80 23.61 18.85
CA PHE A 1236 1.51 23.93 17.62
C PHE A 1236 0.55 24.40 16.53
N LYS A 1237 -0.59 23.73 16.39
CA LYS A 1237 -1.57 24.14 15.40
C LYS A 1237 -2.10 25.54 15.70
N LYS A 1238 -2.35 25.84 16.97
CA LYS A 1238 -2.82 27.15 17.38
C LYS A 1238 -1.68 28.12 17.67
N ALA A 1239 -0.43 27.68 17.57
CA ALA A 1239 0.69 28.56 17.84
C ALA A 1239 0.72 29.72 16.86
N GLN A 1240 1.01 30.92 17.36
CA GLN A 1240 1.04 32.09 16.50
C GLN A 1240 2.14 31.98 15.44
N HIS A 1241 3.33 31.51 15.85
CA HIS A 1241 4.47 31.40 14.96
C HIS A 1241 4.91 29.94 14.89
N THR A 1242 5.04 29.43 13.66
CA THR A 1242 5.52 28.08 13.42
C THR A 1242 6.42 28.08 12.20
N CYS A 1243 7.35 27.13 12.15
CA CYS A 1243 8.28 27.03 11.04
C CYS A 1243 8.61 25.57 10.79
N LEU A 1244 8.53 25.15 9.53
CA LEU A 1244 8.89 23.80 9.15
C LEU A 1244 10.42 23.67 9.06
N ALA A 1245 10.93 22.52 9.47
CA ALA A 1245 12.36 22.25 9.46
C ALA A 1245 12.58 20.79 9.09
N LYS A 1246 13.75 20.53 8.50
CA LYS A 1246 14.14 19.18 8.09
C LYS A 1246 15.41 18.79 8.82
N VAL A 1247 15.39 17.60 9.44
CA VAL A 1247 16.56 17.10 10.13
C VAL A 1247 17.60 16.67 9.10
N ARG A 1248 18.84 17.12 9.29
CA ARG A 1248 19.94 16.82 8.39
C ARG A 1248 20.93 15.83 8.96
N THR A 1249 21.43 16.08 10.17
CA THR A 1249 22.42 15.21 10.80
C THR A 1249 22.10 15.06 12.28
N LEU A 1250 22.50 13.92 12.84
CA LEU A 1250 22.32 13.62 14.27
C LEU A 1250 23.64 13.08 14.79
N LYS A 1251 24.40 13.92 15.49
CA LYS A 1251 25.73 13.57 15.98
C LYS A 1251 25.66 13.41 17.50
N ASN A 1252 25.95 12.19 17.97
CA ASN A 1252 25.93 11.92 19.41
C ASN A 1252 27.27 12.31 20.03
N THR A 1253 27.22 12.85 21.24
CA THR A 1253 28.41 13.32 21.92
C THR A 1253 28.26 13.12 23.42
N LYS A 1254 29.40 13.02 24.10
CA LYS A 1254 29.45 12.72 25.52
C LYS A 1254 28.48 13.60 26.29
N GLY A 1255 28.02 13.10 27.43
CA GLY A 1255 26.94 13.73 28.16
C GLY A 1255 25.57 13.44 27.62
N GLY A 1256 25.46 12.50 26.68
CA GLY A 1256 24.18 12.21 26.07
C GLY A 1256 23.60 13.38 25.32
N ASN A 1257 24.45 14.11 24.58
CA ASN A 1257 24.02 15.30 23.86
C ASN A 1257 23.99 15.00 22.37
N VAL A 1258 22.85 15.19 21.74
CA VAL A 1258 22.69 14.98 20.31
C VAL A 1258 22.67 16.35 19.63
N ASP A 1259 23.61 16.55 18.71
CA ASP A 1259 23.63 17.74 17.88
C ASP A 1259 22.81 17.48 16.63
N VAL A 1260 21.80 18.31 16.41
CA VAL A 1260 20.85 18.15 15.31
C VAL A 1260 20.97 19.38 14.42
N THR A 1261 21.11 19.14 13.11
CA THR A 1261 21.17 20.20 12.11
C THR A 1261 19.81 20.27 11.43
N LEU A 1262 19.08 21.35 11.68
CA LEU A 1262 17.74 21.54 11.14
C LEU A 1262 17.79 22.55 10.00
N ARG A 1263 17.23 22.19 8.86
CA ARG A 1263 17.23 23.04 7.67
C ARG A 1263 15.88 23.72 7.52
N ILE A 1264 15.90 25.05 7.43
CA ILE A 1264 14.69 25.85 7.31
C ILE A 1264 14.87 26.82 6.16
N HIS A 1265 13.74 27.36 5.69
CA HIS A 1265 13.78 28.33 4.59
C HIS A 1265 14.38 29.64 5.07
N ARG A 1266 15.31 30.18 4.28
CA ARG A 1266 15.99 31.41 4.69
C ARG A 1266 15.02 32.58 4.82
N ASN A 1267 14.13 32.74 3.85
CA ASN A 1267 13.22 33.88 3.84
C ASN A 1267 12.18 33.82 4.95
N HIS A 1268 11.99 32.66 5.59
CA HIS A 1268 10.98 32.55 6.63
C HIS A 1268 11.29 33.50 7.77
N SER A 1269 10.27 34.23 8.22
CA SER A 1269 10.46 35.23 9.27
C SER A 1269 10.76 34.61 10.63
N PHE A 1270 10.36 33.35 10.84
CA PHE A 1270 10.56 32.74 12.15
C PHE A 1270 12.03 32.70 12.56
N SER A 1271 12.95 32.81 11.60
CA SER A 1271 14.36 32.82 11.94
C SER A 1271 14.72 33.98 12.87
N LYS A 1272 13.90 35.03 12.91
CA LYS A 1272 14.17 36.13 13.83
C LYS A 1272 14.06 35.70 15.30
N PHE A 1273 13.35 34.61 15.57
CA PHE A 1273 13.24 34.08 16.93
C PHE A 1273 14.34 33.10 17.27
N LEU A 1274 15.19 32.75 16.30
CA LEU A 1274 16.25 31.75 16.52
C LEU A 1274 17.50 32.44 17.06
N THR A 1275 17.39 32.90 18.30
CA THR A 1275 18.50 33.53 19.00
C THR A 1275 19.27 32.49 19.80
N LEU A 1276 20.56 32.76 20.03
CA LEU A 1276 21.40 31.84 20.76
C LEU A 1276 20.83 31.58 22.15
N ARG A 1277 20.95 30.31 22.60
CA ARG A 1277 20.47 29.90 23.91
C ARG A 1277 18.98 30.21 24.08
N SER A 1278 18.19 29.88 23.07
CA SER A 1278 16.75 30.06 23.10
C SER A 1278 16.06 28.70 23.04
N GLU A 1279 15.05 28.52 23.89
CA GLU A 1279 14.29 27.28 23.92
C GLU A 1279 13.21 27.33 22.84
N ILE A 1280 13.22 26.34 21.95
CA ILE A 1280 12.26 26.24 20.85
C ILE A 1280 11.57 24.89 20.96
N TYR A 1281 10.24 24.89 20.92
CA TYR A 1281 9.47 23.67 21.04
C TYR A 1281 9.22 23.10 19.65
N CYS A 1282 9.72 21.89 19.41
CA CYS A 1282 9.61 21.24 18.11
C CYS A 1282 8.88 19.92 18.26
N VAL A 1283 8.07 19.59 17.25
CA VAL A 1283 7.33 18.33 17.21
C VAL A 1283 7.39 17.76 15.81
N LYS A 1284 7.56 16.44 15.72
CA LYS A 1284 7.65 15.77 14.44
C LYS A 1284 6.32 15.84 13.70
N VAL A 1285 6.39 15.79 12.36
CA VAL A 1285 5.21 15.86 11.52
C VAL A 1285 5.09 14.58 10.72
N MET A 1286 6.07 14.30 9.88
CA MET A 1286 6.06 13.10 9.04
C MET A 1286 7.46 12.89 8.49
N GLN A 1287 7.64 11.76 7.81
CA GLN A 1287 8.91 11.39 7.21
C GLN A 1287 8.87 11.72 5.73
N MET A 1288 9.92 12.40 5.25
CA MET A 1288 9.99 12.88 3.88
C MET A 1288 10.73 11.93 2.95
N THR A 1289 11.17 10.77 3.43
CA THR A 1289 11.97 9.88 2.61
C THR A 1289 11.22 9.47 1.34
N THR A 1290 9.96 9.02 1.50
CA THR A 1290 9.19 8.62 0.33
C THR A 1290 8.96 9.80 -0.61
N ILE A 1291 8.64 10.97 -0.06
CA ILE A 1291 8.42 12.14 -0.89
C ILE A 1291 9.69 12.54 -1.61
N GLU A 1292 10.83 12.48 -0.91
CA GLU A 1292 12.11 12.81 -1.54
C GLU A 1292 12.42 11.84 -2.67
N ARG A 1293 12.18 10.55 -2.46
CA ARG A 1293 12.43 9.57 -3.51
C ARG A 1293 11.52 9.80 -4.71
N GLU A 1294 10.25 10.09 -4.46
CA GLU A 1294 9.32 10.37 -5.56
C GLU A 1294 9.76 11.60 -6.34
N TYR A 1295 10.17 12.66 -5.64
CA TYR A 1295 10.61 13.87 -6.33
C TYR A 1295 11.88 13.60 -7.13
N SER A 1296 12.81 12.83 -6.57
CA SER A 1296 14.03 12.48 -7.31
C SER A 1296 13.71 11.70 -8.58
N THR A 1297 12.79 10.73 -8.47
CA THR A 1297 12.40 9.97 -9.65
C THR A 1297 11.72 10.87 -10.69
N LEU A 1298 10.86 11.78 -10.23
CA LEU A 1298 10.21 12.70 -11.17
C LEU A 1298 11.23 13.55 -11.89
N GLU A 1299 12.22 14.07 -11.16
CA GLU A 1299 13.25 14.90 -11.79
C GLU A 1299 14.10 14.09 -12.76
N GLY A 1300 14.46 12.87 -12.39
CA GLY A 1300 15.34 12.06 -13.20
C GLY A 1300 14.67 11.30 -14.33
N LEU A 1301 13.34 11.32 -14.39
CA LEU A 1301 12.64 10.63 -15.47
C LEU A 1301 13.21 10.98 -16.84
N GLU A 1302 13.82 12.16 -16.99
CA GLU A 1302 14.39 12.54 -18.27
C GLU A 1302 15.48 11.57 -18.70
N TYR A 1303 16.33 11.13 -17.77
CA TYR A 1303 17.44 10.24 -18.07
C TYR A 1303 17.05 8.76 -18.07
N TYR A 1304 15.80 8.44 -17.74
CA TYR A 1304 15.38 7.04 -17.73
C TYR A 1304 15.41 6.47 -19.14
N ASP A 1305 15.82 5.20 -19.24
CA ASP A 1305 15.86 4.55 -20.54
C ASP A 1305 14.47 4.44 -21.16
N LEU A 1306 13.47 4.11 -20.34
CA LEU A 1306 12.10 3.96 -20.81
C LEU A 1306 11.29 5.25 -20.69
N VAL A 1307 11.96 6.40 -20.73
CA VAL A 1307 11.25 7.68 -20.60
C VAL A 1307 10.25 7.85 -21.73
N GLY A 1308 10.64 7.52 -22.96
CA GLY A 1308 9.73 7.66 -24.08
C GLY A 1308 8.48 6.81 -23.93
N GLN A 1309 8.66 5.56 -23.53
CA GLN A 1309 7.50 4.68 -23.35
C GLN A 1309 6.59 5.20 -22.25
N ILE A 1310 7.17 5.67 -21.15
CA ILE A 1310 6.35 6.19 -20.04
C ILE A 1310 5.56 7.41 -20.50
N LEU A 1311 6.22 8.33 -21.22
CA LEU A 1311 5.52 9.52 -21.69
C LEU A 1311 4.41 9.15 -22.67
N GLN A 1312 4.71 8.26 -23.61
CA GLN A 1312 3.68 7.82 -24.56
C GLN A 1312 2.70 6.84 -23.92
N ALA A 1313 3.15 6.07 -22.92
CA ALA A 1313 2.32 5.08 -22.25
C ALA A 1313 1.82 4.00 -23.20
N LYS A 1314 2.54 3.79 -24.31
CA LYS A 1314 2.14 2.80 -25.30
C LYS A 1314 3.01 1.55 -25.13
N PRO A 1315 2.44 0.42 -24.73
CA PRO A 1315 3.26 -0.80 -24.61
C PRO A 1315 3.84 -1.21 -25.95
N SER A 1316 5.00 -1.86 -25.89
CA SER A 1316 5.66 -2.30 -27.11
C SER A 1316 4.76 -3.31 -27.84
N PRO A 1317 4.78 -3.31 -29.16
CA PRO A 1317 3.88 -4.19 -29.91
C PRO A 1317 4.14 -5.65 -29.59
N PRO A 1318 3.10 -6.48 -29.51
CA PRO A 1318 3.31 -7.90 -29.26
C PRO A 1318 4.14 -8.54 -30.36
N VAL A 1319 4.97 -9.52 -29.96
CA VAL A 1319 5.81 -10.27 -30.87
C VAL A 1319 5.33 -11.71 -30.90
N ASN A 1320 5.08 -12.23 -32.09
CA ASN A 1320 4.58 -13.59 -32.23
C ASN A 1320 5.62 -14.60 -31.77
N VAL A 1321 5.14 -15.64 -31.11
CA VAL A 1321 5.99 -16.72 -30.60
C VAL A 1321 5.38 -18.05 -31.02
N ASP A 1322 6.25 -19.06 -31.16
CA ASP A 1322 5.80 -20.37 -31.58
C ASP A 1322 4.91 -21.00 -30.53
N ALA A 1323 3.83 -21.65 -30.97
CA ALA A 1323 2.94 -22.32 -30.03
C ALA A 1323 3.60 -23.51 -29.36
N ALA A 1324 4.53 -24.17 -30.05
CA ALA A 1324 5.21 -25.32 -29.45
C ALA A 1324 6.00 -24.90 -28.22
N GLU A 1325 6.70 -23.76 -28.29
CA GLU A 1325 7.44 -23.26 -27.15
C GLU A 1325 6.50 -22.94 -25.99
N ILE A 1326 5.35 -22.34 -26.28
CA ILE A 1326 4.39 -22.01 -25.23
C ILE A 1326 3.89 -23.28 -24.56
N GLU A 1327 3.56 -24.31 -25.35
CA GLU A 1327 3.10 -25.56 -24.78
C GLU A 1327 4.19 -26.22 -23.94
N THR A 1328 5.43 -26.19 -24.42
CA THR A 1328 6.52 -26.78 -23.65
C THR A 1328 6.71 -26.05 -22.32
N VAL A 1329 6.65 -24.72 -22.34
CA VAL A 1329 6.78 -23.95 -21.10
C VAL A 1329 5.64 -24.29 -20.16
N LYS A 1330 4.41 -24.37 -20.68
CA LYS A 1330 3.27 -24.69 -19.84
C LYS A 1330 3.43 -26.06 -19.19
N LYS A 1331 3.87 -27.05 -19.97
CA LYS A 1331 4.07 -28.39 -19.41
C LYS A 1331 5.17 -28.40 -18.37
N SER A 1332 6.28 -27.70 -18.64
CA SER A 1332 7.41 -27.72 -17.72
C SER A 1332 7.05 -27.03 -16.40
N TYR A 1333 6.41 -25.87 -16.47
CA TYR A 1333 6.09 -25.10 -15.27
C TYR A 1333 4.72 -25.44 -14.70
N LYS A 1334 3.93 -26.29 -15.37
CA LYS A 1334 2.62 -26.70 -14.87
C LYS A 1334 1.70 -25.50 -14.65
N LEU A 1335 1.74 -24.55 -15.58
CA LEU A 1335 0.86 -23.39 -15.55
C LEU A 1335 -0.33 -23.62 -16.46
N ASN A 1336 -1.20 -22.60 -16.54
CA ASN A 1336 -2.36 -22.65 -17.42
C ASN A 1336 -1.98 -22.17 -18.81
N THR A 1337 -2.79 -22.57 -19.80
CA THR A 1337 -2.52 -22.20 -21.18
C THR A 1337 -2.51 -20.68 -21.36
N SER A 1338 -3.56 -20.02 -20.84
CA SER A 1338 -3.62 -18.56 -20.95
C SER A 1338 -2.47 -17.91 -20.18
N GLN A 1339 -2.19 -18.39 -18.97
CA GLN A 1339 -1.11 -17.83 -18.19
C GLN A 1339 0.23 -18.03 -18.88
N ALA A 1340 0.47 -19.24 -19.43
CA ALA A 1340 1.71 -19.50 -20.13
C ALA A 1340 1.85 -18.61 -21.35
N GLU A 1341 0.77 -18.44 -22.12
CA GLU A 1341 0.83 -17.58 -23.29
C GLU A 1341 1.13 -16.14 -22.89
N ALA A 1342 0.48 -15.65 -21.83
CA ALA A 1342 0.73 -14.28 -21.40
C ALA A 1342 2.17 -14.11 -20.95
N ILE A 1343 2.70 -15.07 -20.19
CA ILE A 1343 4.08 -14.98 -19.72
C ILE A 1343 5.04 -14.98 -20.89
N VAL A 1344 4.83 -15.87 -21.86
CA VAL A 1344 5.72 -15.95 -23.02
C VAL A 1344 5.67 -14.64 -23.80
N ASN A 1345 4.47 -14.10 -24.03
CA ASN A 1345 4.35 -12.85 -24.77
C ASN A 1345 5.04 -11.71 -24.03
N SER A 1346 4.86 -11.63 -22.71
CA SER A 1346 5.48 -10.55 -21.95
C SER A 1346 7.00 -10.66 -21.99
N VAL A 1347 7.54 -11.87 -21.82
CA VAL A 1347 8.98 -12.03 -21.79
C VAL A 1347 9.58 -11.77 -23.17
N SER A 1348 8.90 -12.21 -24.23
CA SER A 1348 9.45 -12.07 -25.57
C SER A 1348 9.65 -10.60 -25.94
N LYS A 1349 8.68 -9.75 -25.62
CA LYS A 1349 8.78 -8.33 -25.94
C LYS A 1349 9.58 -7.60 -24.87
N GLU A 1350 10.40 -6.66 -25.30
CA GLU A 1350 11.22 -5.85 -24.41
C GLU A 1350 10.51 -4.52 -24.15
N GLY A 1351 10.38 -4.16 -22.87
CA GLY A 1351 9.71 -2.95 -22.46
C GLY A 1351 8.63 -3.27 -21.44
N PHE A 1352 7.70 -2.35 -21.29
CA PHE A 1352 6.60 -2.54 -20.34
C PHE A 1352 5.71 -3.68 -20.79
N SER A 1353 5.34 -4.55 -19.85
CA SER A 1353 4.46 -5.68 -20.09
C SER A 1353 3.29 -5.60 -19.13
N LEU A 1354 2.07 -5.74 -19.66
CA LEU A 1354 0.85 -5.62 -18.88
C LEU A 1354 0.23 -7.00 -18.69
N ILE A 1355 0.04 -7.39 -17.43
CA ILE A 1355 -0.62 -8.64 -17.08
C ILE A 1355 -1.71 -8.32 -16.08
N GLN A 1356 -2.96 -8.59 -16.45
CA GLN A 1356 -4.11 -8.32 -15.60
C GLN A 1356 -4.51 -9.63 -14.93
N GLY A 1357 -4.16 -9.76 -13.65
CA GLY A 1357 -4.48 -10.94 -12.90
C GLY A 1357 -5.56 -10.69 -11.86
N PRO A 1358 -6.79 -11.13 -12.14
CA PRO A 1358 -7.84 -11.02 -11.13
C PRO A 1358 -7.49 -11.85 -9.90
N PRO A 1359 -8.00 -11.47 -8.73
CA PRO A 1359 -7.70 -12.25 -7.53
C PRO A 1359 -8.11 -13.70 -7.68
N GLY A 1360 -7.28 -14.60 -7.15
CA GLY A 1360 -7.53 -16.02 -7.25
C GLY A 1360 -7.08 -16.66 -8.55
N THR A 1361 -6.43 -15.90 -9.44
CA THR A 1361 -5.95 -16.42 -10.72
C THR A 1361 -4.47 -16.78 -10.68
N GLY A 1362 -3.95 -17.12 -9.51
CA GLY A 1362 -2.56 -17.49 -9.39
C GLY A 1362 -1.62 -16.35 -9.73
N LYS A 1363 -1.89 -15.16 -9.20
CA LYS A 1363 -1.03 -14.01 -9.46
C LYS A 1363 0.38 -14.28 -8.96
N THR A 1364 0.50 -14.79 -7.73
CA THR A 1364 1.82 -15.20 -7.23
C THR A 1364 2.38 -16.35 -8.06
N LYS A 1365 1.51 -17.28 -8.46
CA LYS A 1365 1.95 -18.36 -9.34
C LYS A 1365 2.43 -17.80 -10.68
N THR A 1366 1.74 -16.80 -11.22
CA THR A 1366 2.18 -16.18 -12.46
C THR A 1366 3.53 -15.51 -12.29
N ILE A 1367 3.74 -14.82 -11.17
CA ILE A 1367 5.02 -14.18 -10.92
C ILE A 1367 6.13 -15.22 -10.83
N LEU A 1368 5.86 -16.32 -10.12
CA LEU A 1368 6.85 -17.39 -10.01
C LEU A 1368 7.17 -17.96 -11.39
N GLY A 1369 6.16 -18.18 -12.22
CA GLY A 1369 6.41 -18.67 -13.56
C GLY A 1369 7.24 -17.72 -14.40
N ILE A 1370 6.94 -16.42 -14.30
CA ILE A 1370 7.72 -15.43 -15.04
C ILE A 1370 9.17 -15.46 -14.60
N ILE A 1371 9.39 -15.50 -13.27
CA ILE A 1371 10.76 -15.51 -12.76
C ILE A 1371 11.49 -16.75 -13.22
N GLY A 1372 10.84 -17.91 -13.14
CA GLY A 1372 11.48 -19.14 -13.59
C GLY A 1372 11.81 -19.13 -15.06
N TYR A 1373 10.89 -18.65 -15.89
CA TYR A 1373 11.14 -18.58 -17.32
C TYR A 1373 12.29 -17.64 -17.63
N PHE A 1374 12.34 -16.48 -16.98
CA PHE A 1374 13.43 -15.54 -17.23
C PHE A 1374 14.76 -16.14 -16.79
N LEU A 1375 14.80 -16.78 -15.62
CA LEU A 1375 16.05 -17.36 -15.14
C LEU A 1375 16.52 -18.49 -16.05
N SER A 1376 15.60 -19.33 -16.52
CA SER A 1376 15.98 -20.43 -17.39
C SER A 1376 16.58 -19.91 -18.70
N THR A 1377 16.00 -18.86 -19.27
CA THR A 1377 16.49 -18.28 -20.50
C THR A 1377 17.75 -17.45 -20.25
N LYS A 1403 25.15 -13.34 -15.07
CA LYS A 1403 23.98 -13.26 -14.20
C LYS A 1403 23.10 -12.09 -14.61
N GLN A 1404 21.78 -12.26 -14.44
CA GLN A 1404 20.79 -11.24 -14.77
C GLN A 1404 19.95 -10.97 -13.53
N LYS A 1405 20.30 -9.93 -12.79
CA LYS A 1405 19.57 -9.60 -11.57
C LYS A 1405 18.15 -9.16 -11.91
N ILE A 1406 17.20 -9.58 -11.07
CA ILE A 1406 15.80 -9.25 -11.26
C ILE A 1406 15.29 -8.60 -9.98
N LEU A 1407 14.64 -7.44 -10.13
CA LEU A 1407 14.17 -6.65 -9.00
C LEU A 1407 12.65 -6.71 -8.95
N ILE A 1408 12.13 -7.33 -7.90
CA ILE A 1408 10.69 -7.39 -7.65
C ILE A 1408 10.33 -6.33 -6.64
N CYS A 1409 9.30 -5.52 -6.96
CA CYS A 1409 8.89 -4.42 -6.10
C CYS A 1409 7.38 -4.53 -5.86
N ALA A 1410 6.97 -4.40 -4.62
CA ALA A 1410 5.56 -4.46 -4.26
C ALA A 1410 5.18 -3.23 -3.44
N PRO A 1411 3.92 -2.77 -3.55
CA PRO A 1411 3.53 -1.57 -2.79
C PRO A 1411 3.65 -1.73 -1.29
N SER A 1412 3.37 -2.92 -0.77
CA SER A 1412 3.31 -3.16 0.67
C SER A 1412 4.28 -4.28 1.05
N ASN A 1413 4.74 -4.23 2.31
CA ASN A 1413 5.68 -5.23 2.79
C ASN A 1413 5.04 -6.62 2.84
N ALA A 1414 3.73 -6.69 3.01
CA ALA A 1414 3.06 -8.00 3.06
C ALA A 1414 3.22 -8.75 1.75
N ALA A 1415 3.06 -8.05 0.62
CA ALA A 1415 3.23 -8.70 -0.68
C ALA A 1415 4.66 -9.17 -0.87
N VAL A 1416 5.64 -8.36 -0.44
CA VAL A 1416 7.03 -8.76 -0.56
C VAL A 1416 7.30 -10.00 0.28
N ASP A 1417 6.77 -10.04 1.50
CA ASP A 1417 6.95 -11.21 2.36
C ASP A 1417 6.32 -12.44 1.74
N GLU A 1418 5.12 -12.30 1.17
CA GLU A 1418 4.48 -13.44 0.53
C GLU A 1418 5.30 -13.94 -0.66
N ILE A 1419 5.83 -13.02 -1.47
CA ILE A 1419 6.64 -13.42 -2.61
C ILE A 1419 7.91 -14.12 -2.14
N CYS A 1420 8.54 -13.61 -1.08
CA CYS A 1420 9.74 -14.25 -0.55
C CYS A 1420 9.43 -15.65 -0.03
N LEU A 1421 8.31 -15.81 0.68
CA LEU A 1421 7.93 -17.14 1.16
C LEU A 1421 7.70 -18.09 0.00
N ARG A 1422 7.02 -17.64 -1.06
CA ARG A 1422 6.79 -18.49 -2.20
C ARG A 1422 8.10 -18.88 -2.88
N LEU A 1423 9.02 -17.91 -3.01
CA LEU A 1423 10.30 -18.20 -3.65
C LEU A 1423 11.16 -19.14 -2.82
N LYS A 1424 11.05 -19.06 -1.50
CA LYS A 1424 11.86 -19.93 -0.64
C LYS A 1424 11.63 -21.40 -0.95
N SER A 1425 10.44 -21.75 -1.44
CA SER A 1425 10.14 -23.13 -1.80
C SER A 1425 10.82 -23.56 -3.09
N GLY A 1426 11.38 -22.64 -3.85
CA GLY A 1426 12.05 -22.95 -5.09
C GLY A 1426 11.15 -22.75 -6.29
N VAL A 1427 11.78 -22.50 -7.44
CA VAL A 1427 11.07 -22.28 -8.70
C VAL A 1427 11.58 -23.29 -9.72
N TYR A 1428 10.65 -23.99 -10.37
CA TYR A 1428 11.01 -24.98 -11.37
C TYR A 1428 11.42 -24.29 -12.67
N ASP A 1429 12.34 -24.93 -13.39
CA ASP A 1429 12.82 -24.44 -14.68
C ASP A 1429 12.16 -25.23 -15.80
N LYS A 1430 12.60 -24.95 -17.04
CA LYS A 1430 12.08 -25.69 -18.18
C LYS A 1430 12.42 -27.17 -18.08
N GLN A 1431 13.66 -27.47 -17.66
CA GLN A 1431 14.07 -28.86 -17.49
C GLN A 1431 13.39 -29.54 -16.31
N GLY A 1432 12.69 -28.79 -15.46
CA GLY A 1432 12.02 -29.35 -14.30
C GLY A 1432 12.89 -29.49 -13.07
N HIS A 1433 14.12 -29.00 -13.11
CA HIS A 1433 15.02 -29.08 -11.96
C HIS A 1433 14.81 -27.85 -11.09
N GLN A 1434 14.17 -28.04 -9.94
CA GLN A 1434 13.89 -26.93 -9.04
C GLN A 1434 15.20 -26.35 -8.49
N PHE A 1435 15.25 -25.03 -8.41
CA PHE A 1435 16.43 -24.33 -7.91
C PHE A 1435 15.99 -23.15 -7.07
N LYS A 1436 16.88 -22.71 -6.17
CA LYS A 1436 16.59 -21.64 -5.21
C LYS A 1436 17.65 -20.56 -5.34
N PRO A 1437 17.46 -19.60 -6.25
CA PRO A 1437 18.43 -18.50 -6.36
C PRO A 1437 18.48 -17.67 -5.09
N GLN A 1438 19.67 -17.12 -4.82
CA GLN A 1438 19.84 -16.28 -3.64
C GLN A 1438 18.90 -15.09 -3.70
N LEU A 1439 18.01 -15.00 -2.70
CA LEU A 1439 17.02 -13.94 -2.63
C LEU A 1439 17.41 -12.93 -1.56
N VAL A 1440 17.34 -11.65 -1.90
CA VAL A 1440 17.72 -10.57 -1.00
C VAL A 1440 16.49 -9.72 -0.72
N ARG A 1441 16.15 -9.58 0.55
CA ARG A 1441 15.04 -8.74 0.99
C ARG A 1441 15.60 -7.43 1.54
N VAL A 1442 15.19 -6.32 0.94
CA VAL A 1442 15.66 -5.00 1.34
C VAL A 1442 14.55 -4.40 2.21
N GLY A 1443 14.66 -4.60 3.51
CA GLY A 1443 13.67 -4.07 4.43
C GLY A 1443 14.11 -4.29 5.86
N ARG A 1444 13.46 -3.55 6.76
CA ARG A 1444 13.77 -3.67 8.19
C ARG A 1444 13.20 -4.95 8.76
N SER A 1445 13.86 -5.47 9.79
CA SER A 1445 13.42 -6.70 10.42
C SER A 1445 12.05 -6.53 11.08
N ASP A 1446 11.83 -5.38 11.74
CA ASP A 1446 10.56 -5.19 12.44
C ASP A 1446 9.39 -5.13 11.48
N VAL A 1447 9.53 -4.37 10.38
CA VAL A 1447 8.43 -4.23 9.44
C VAL A 1447 8.21 -5.54 8.68
N VAL A 1448 9.30 -6.21 8.30
CA VAL A 1448 9.17 -7.44 7.52
C VAL A 1448 8.69 -8.58 8.41
N ASN A 1449 8.12 -9.60 7.76
CA ASN A 1449 7.60 -10.74 8.50
C ASN A 1449 8.73 -11.49 9.20
N VAL A 1450 8.37 -12.17 10.30
CA VAL A 1450 9.37 -12.89 11.07
C VAL A 1450 10.04 -13.97 10.22
N ALA A 1451 9.25 -14.70 9.43
CA ALA A 1451 9.81 -15.75 8.59
C ALA A 1451 10.82 -15.19 7.59
N ILE A 1452 10.67 -13.91 7.21
CA ILE A 1452 11.57 -13.29 6.24
C ILE A 1452 12.80 -12.68 6.90
N LYS A 1453 12.92 -12.78 8.22
CA LYS A 1453 14.08 -12.20 8.89
C LYS A 1453 15.38 -12.81 8.38
N ASP A 1454 15.41 -14.13 8.18
CA ASP A 1454 16.62 -14.78 7.68
C ASP A 1454 17.01 -14.23 6.31
N LEU A 1455 16.03 -14.01 5.44
CA LEU A 1455 16.31 -13.54 4.08
C LEU A 1455 16.72 -12.08 4.03
N THR A 1456 16.55 -11.32 5.11
CA THR A 1456 16.89 -9.91 5.09
C THR A 1456 18.40 -9.72 4.95
N LEU A 1457 18.79 -8.58 4.39
CA LEU A 1457 20.20 -8.34 4.12
C LEU A 1457 21.02 -8.33 5.41
N GLU A 1458 20.50 -7.72 6.47
CA GLU A 1458 21.26 -7.61 7.71
C GLU A 1458 21.60 -8.99 8.28
N GLU A 1459 20.62 -9.89 8.33
CA GLU A 1459 20.86 -11.21 8.88
C GLU A 1459 21.83 -12.01 8.01
N LEU A 1460 21.70 -11.89 6.68
CA LEU A 1460 22.62 -12.58 5.80
C LEU A 1460 24.05 -12.08 6.00
N VAL A 1461 24.22 -10.76 6.13
CA VAL A 1461 25.55 -10.21 6.36
C VAL A 1461 26.10 -10.69 7.70
N ASP A 1462 25.26 -10.71 8.74
CA ASP A 1462 25.71 -11.17 10.05
C ASP A 1462 26.14 -12.63 9.98
N LYS A 1463 25.36 -13.47 9.29
CA LYS A 1463 25.74 -14.88 9.17
C LYS A 1463 27.04 -15.03 8.39
N ARG A 1464 27.21 -14.26 7.31
CA ARG A 1464 28.44 -14.35 6.54
C ARG A 1464 29.65 -13.95 7.37
N ILE A 1465 29.53 -12.86 8.14
CA ILE A 1465 30.62 -12.41 8.98
C ILE A 1465 30.92 -13.45 10.06
N GLY A 1466 29.88 -13.99 10.68
CA GLY A 1466 30.06 -14.98 11.72
C GLY A 1466 30.42 -14.38 13.06
N ASP A 1534 44.81 6.85 26.08
CA ASP A 1534 43.54 6.45 25.47
C ASP A 1534 43.78 5.40 24.39
N GLU A 1535 44.76 4.53 24.62
CA GLU A 1535 45.07 3.48 23.66
C GLU A 1535 43.89 2.53 23.48
N MET A 1536 43.23 2.17 24.58
CA MET A 1536 42.07 1.30 24.49
C MET A 1536 40.96 1.95 23.69
N ARG A 1537 40.74 3.25 23.89
CA ARG A 1537 39.73 3.97 23.13
C ARG A 1537 40.04 3.93 21.63
N GLU A 1538 41.30 4.17 21.28
CA GLU A 1538 41.68 4.15 19.87
C GLU A 1538 41.51 2.76 19.28
N LYS A 1539 41.89 1.72 20.03
CA LYS A 1539 41.71 0.35 19.53
C LYS A 1539 40.24 0.03 19.33
N ASN A 1540 39.39 0.45 20.27
CA ASN A 1540 37.95 0.19 20.12
C ASN A 1540 37.39 0.92 18.90
N SER A 1541 37.81 2.18 18.69
CA SER A 1541 37.33 2.90 17.52
C SER A 1541 37.79 2.24 16.23
N VAL A 1542 39.05 1.80 16.19
CA VAL A 1542 39.56 1.12 14.99
C VAL A 1542 38.79 -0.17 14.75
N ASN A 1543 38.50 -0.91 15.82
CA ASN A 1543 37.74 -2.16 15.67
C ASN A 1543 36.33 -1.87 15.14
N TYR A 1544 35.69 -0.82 15.65
CA TYR A 1544 34.36 -0.47 15.16
C TYR A 1544 34.40 -0.09 13.69
N ARG A 1545 35.40 0.70 13.29
CA ARG A 1545 35.52 1.07 11.87
C ARG A 1545 35.77 -0.16 11.01
N ASN A 1546 36.62 -1.08 11.48
CA ASN A 1546 36.86 -2.30 10.72
C ASN A 1546 35.59 -3.14 10.59
N ARG A 1547 34.80 -3.22 11.67
CA ARG A 1547 33.54 -3.95 11.59
C ARG A 1547 32.59 -3.31 10.59
N ASP A 1548 32.51 -1.98 10.59
CA ASP A 1548 31.66 -1.29 9.64
C ASP A 1548 32.11 -1.55 8.20
N LEU A 1549 33.42 -1.49 7.95
CA LEU A 1549 33.94 -1.77 6.61
C LEU A 1549 33.65 -3.20 6.20
N ASP A 1550 33.81 -4.15 7.11
CA ASP A 1550 33.51 -5.55 6.81
C ASP A 1550 32.04 -5.73 6.49
N ARG A 1551 31.15 -5.07 7.24
CA ARG A 1551 29.73 -5.16 6.96
C ARG A 1551 29.40 -4.58 5.59
N ARG A 1552 30.01 -3.44 5.25
CA ARG A 1552 29.78 -2.84 3.94
C ARG A 1552 30.23 -3.78 2.83
N ASN A 1553 31.43 -4.37 2.99
CA ASN A 1553 31.93 -5.29 1.98
C ASN A 1553 31.04 -6.51 1.85
N ALA A 1554 30.58 -7.06 2.97
CA ALA A 1554 29.73 -8.24 2.93
C ALA A 1554 28.41 -7.95 2.23
N GLN A 1555 27.78 -6.82 2.56
CA GLN A 1555 26.51 -6.48 1.91
C GLN A 1555 26.72 -6.22 0.42
N ALA A 1556 27.81 -5.55 0.06
CA ALA A 1556 28.08 -5.33 -1.36
C ALA A 1556 28.27 -6.65 -2.10
N HIS A 1557 29.02 -7.58 -1.50
CA HIS A 1557 29.21 -8.88 -2.13
C HIS A 1557 27.89 -9.64 -2.27
N ILE A 1558 27.06 -9.60 -1.22
CA ILE A 1558 25.78 -10.30 -1.28
C ILE A 1558 24.91 -9.71 -2.39
N LEU A 1559 24.86 -8.38 -2.48
CA LEU A 1559 24.06 -7.76 -3.53
C LEU A 1559 24.59 -8.10 -4.92
N ALA A 1560 25.92 -8.09 -5.08
CA ALA A 1560 26.50 -8.41 -6.37
C ALA A 1560 26.19 -9.85 -6.78
N VAL A 1561 26.30 -10.79 -5.85
CA VAL A 1561 26.03 -12.19 -6.16
C VAL A 1561 24.55 -12.50 -6.19
N SER A 1562 23.72 -11.70 -5.53
CA SER A 1562 22.29 -11.97 -5.50
C SER A 1562 21.69 -11.86 -6.89
N ASP A 1563 20.71 -12.72 -7.17
CA ASP A 1563 20.00 -12.74 -8.46
C ASP A 1563 18.63 -12.12 -8.36
N ILE A 1564 17.89 -12.40 -7.29
CA ILE A 1564 16.54 -11.88 -7.07
C ILE A 1564 16.58 -10.94 -5.87
N ILE A 1565 16.12 -9.71 -6.07
CA ILE A 1565 16.03 -8.72 -5.01
C ILE A 1565 14.57 -8.31 -4.89
N CYS A 1566 13.94 -8.69 -3.77
CA CYS A 1566 12.53 -8.38 -3.52
C CYS A 1566 12.43 -7.29 -2.47
N SER A 1567 11.59 -6.29 -2.74
CA SER A 1567 11.48 -5.14 -1.86
C SER A 1567 10.21 -4.37 -2.20
N THR A 1568 10.08 -3.18 -1.63
CA THR A 1568 8.95 -2.30 -1.91
C THR A 1568 9.35 -1.21 -2.90
N LEU A 1569 8.34 -0.55 -3.47
CA LEU A 1569 8.60 0.52 -4.43
C LEU A 1569 9.44 1.63 -3.79
N SER A 1570 9.06 2.06 -2.59
CA SER A 1570 9.85 3.07 -1.89
C SER A 1570 11.21 2.51 -1.48
N GLY A 1571 11.24 1.25 -1.05
CA GLY A 1571 12.49 0.65 -0.61
C GLY A 1571 13.46 0.35 -1.73
N SER A 1572 12.97 0.26 -2.97
CA SER A 1572 13.85 -0.03 -4.09
C SER A 1572 14.88 1.07 -4.30
N ALA A 1573 14.62 2.28 -3.82
CA ALA A 1573 15.54 3.40 -3.94
C ALA A 1573 16.40 3.57 -2.70
N HIS A 1574 16.71 2.48 -2.01
CA HIS A 1574 17.52 2.54 -0.80
C HIS A 1574 18.93 3.03 -1.15
N ASP A 1575 19.54 3.75 -0.19
CA ASP A 1575 20.84 4.33 -0.45
C ASP A 1575 21.90 3.29 -0.78
N VAL A 1576 21.79 2.09 -0.19
CA VAL A 1576 22.77 1.05 -0.46
C VAL A 1576 22.74 0.65 -1.93
N LEU A 1577 21.54 0.47 -2.48
CA LEU A 1577 21.42 0.11 -3.89
C LEU A 1577 21.97 1.21 -4.79
N ALA A 1578 21.68 2.48 -4.45
CA ALA A 1578 22.19 3.59 -5.23
C ALA A 1578 23.72 3.60 -5.21
N THR A 1579 24.31 3.38 -4.04
CA THR A 1579 25.77 3.33 -3.95
C THR A 1579 26.33 2.18 -4.77
N MET A 1580 25.67 1.02 -4.74
CA MET A 1580 26.14 -0.11 -5.52
C MET A 1580 26.13 0.21 -7.01
N GLY A 1581 25.07 0.86 -7.48
CA GLY A 1581 24.98 1.21 -8.89
C GLY A 1581 25.00 0.01 -9.82
N ILE A 1582 24.24 -1.02 -9.48
CA ILE A 1582 24.17 -2.23 -10.29
C ILE A 1582 22.88 -2.19 -11.10
N LYS A 1583 23.01 -2.33 -12.42
CA LYS A 1583 21.85 -2.28 -13.30
C LYS A 1583 20.97 -3.51 -13.11
N PHE A 1584 19.66 -3.30 -13.12
CA PHE A 1584 18.67 -4.36 -13.02
C PHE A 1584 17.91 -4.40 -14.35
N ASP A 1585 18.24 -5.37 -15.19
CA ASP A 1585 17.61 -5.45 -16.51
C ASP A 1585 16.11 -5.71 -16.40
N THR A 1586 15.70 -6.58 -15.48
CA THR A 1586 14.31 -6.97 -15.33
C THR A 1586 13.77 -6.41 -14.02
N VAL A 1587 12.68 -5.65 -14.12
CA VAL A 1587 11.99 -5.09 -12.96
C VAL A 1587 10.53 -5.52 -13.03
N ILE A 1588 10.11 -6.29 -12.02
CA ILE A 1588 8.73 -6.74 -11.91
C ILE A 1588 8.03 -5.88 -10.85
N ILE A 1589 6.84 -5.41 -11.19
CA ILE A 1589 6.02 -4.60 -10.29
C ILE A 1589 4.74 -5.37 -9.99
N ASP A 1590 4.44 -5.52 -8.71
CA ASP A 1590 3.24 -6.20 -8.26
C ASP A 1590 2.19 -5.18 -7.83
N GLU A 1591 0.92 -5.57 -7.97
CA GLU A 1591 -0.19 -4.68 -7.63
C GLU A 1591 -0.01 -3.31 -8.28
N ALA A 1592 0.24 -3.33 -9.59
CA ALA A 1592 0.51 -2.08 -10.30
C ALA A 1592 -0.65 -1.10 -10.19
N CYS A 1593 -1.86 -1.59 -9.96
CA CYS A 1593 -3.03 -0.75 -9.80
C CYS A 1593 -3.22 -0.26 -8.37
N GLN A 1594 -2.37 -0.69 -7.44
CA GLN A 1594 -2.46 -0.27 -6.05
C GLN A 1594 -1.35 0.70 -5.66
N CYS A 1595 -0.58 1.20 -6.63
CA CYS A 1595 0.52 2.11 -6.36
C CYS A 1595 0.49 3.25 -7.36
N THR A 1596 1.05 4.38 -6.95
CA THR A 1596 1.08 5.56 -7.80
C THR A 1596 2.12 5.40 -8.91
N GLU A 1597 2.02 6.26 -9.91
CA GLU A 1597 2.96 6.21 -11.04
C GLU A 1597 4.38 6.48 -10.58
N LEU A 1598 4.57 7.47 -9.70
CA LEU A 1598 5.91 7.78 -9.22
C LEU A 1598 6.52 6.60 -8.49
N SER A 1599 5.73 5.92 -7.64
CA SER A 1599 6.25 4.76 -6.93
C SER A 1599 6.64 3.65 -7.90
N SER A 1600 5.82 3.41 -8.93
CA SER A 1600 6.14 2.38 -9.90
C SER A 1600 7.40 2.71 -10.69
N ILE A 1601 7.61 4.00 -10.97
CA ILE A 1601 8.79 4.40 -11.75
C ILE A 1601 10.05 4.49 -10.88
N ILE A 1602 9.89 4.59 -9.56
CA ILE A 1602 11.07 4.68 -8.69
C ILE A 1602 12.06 3.54 -8.95
N PRO A 1603 11.66 2.27 -8.96
CA PRO A 1603 12.63 1.20 -9.17
C PRO A 1603 13.29 1.23 -10.54
N LEU A 1604 12.70 1.92 -11.51
CA LEU A 1604 13.27 1.95 -12.86
C LEU A 1604 14.55 2.78 -12.95
N ARG A 1605 14.91 3.50 -11.89
CA ARG A 1605 16.09 4.36 -11.95
C ARG A 1605 17.36 3.55 -12.20
N TYR A 1606 17.38 2.29 -11.79
CA TYR A 1606 18.59 1.47 -11.91
C TYR A 1606 18.70 0.86 -13.30
N GLY A 1607 18.63 1.69 -14.34
CA GLY A 1607 18.82 1.22 -15.70
C GLY A 1607 17.86 0.12 -16.09
N GLY A 1608 16.58 0.28 -15.78
CA GLY A 1608 15.60 -0.74 -16.09
C GLY A 1608 15.21 -0.76 -17.54
N LYS A 1609 15.66 -1.79 -18.27
CA LYS A 1609 15.34 -1.91 -19.68
C LYS A 1609 14.08 -2.74 -19.93
N ARG A 1610 13.82 -3.73 -19.08
CA ARG A 1610 12.64 -4.57 -19.18
C ARG A 1610 11.80 -4.42 -17.91
N CYS A 1611 10.54 -4.06 -18.09
CA CYS A 1611 9.61 -3.85 -16.98
C CYS A 1611 8.36 -4.70 -17.21
N ILE A 1612 7.95 -5.43 -16.18
CA ILE A 1612 6.76 -6.26 -16.22
C ILE A 1612 5.87 -5.84 -15.06
N MET A 1613 4.76 -5.17 -15.36
CA MET A 1613 3.84 -4.69 -14.34
C MET A 1613 2.59 -5.57 -14.34
N VAL A 1614 2.23 -6.09 -13.17
CA VAL A 1614 1.07 -6.95 -13.02
C VAL A 1614 0.11 -6.28 -12.05
N GLY A 1615 -1.13 -6.10 -12.47
CA GLY A 1615 -2.14 -5.49 -11.63
C GLY A 1615 -3.53 -5.58 -12.22
N ASP A 1616 -4.54 -5.60 -11.36
CA ASP A 1616 -5.93 -5.69 -11.79
C ASP A 1616 -6.63 -4.36 -11.53
N PRO A 1617 -7.09 -3.65 -12.56
CA PRO A 1617 -7.72 -2.34 -12.31
C PRO A 1617 -8.94 -2.42 -11.42
N ASN A 1618 -9.69 -3.52 -11.47
CA ASN A 1618 -10.89 -3.65 -10.65
C ASN A 1618 -10.57 -3.70 -9.17
N GLN A 1619 -9.32 -3.96 -8.80
CA GLN A 1619 -8.94 -3.98 -7.40
C GLN A 1619 -8.89 -2.56 -6.83
N LEU A 1620 -8.49 -2.46 -5.57
CA LEU A 1620 -8.51 -1.17 -4.89
C LEU A 1620 -7.58 -0.19 -5.61
N PRO A 1621 -8.00 1.06 -5.79
CA PRO A 1621 -7.13 2.03 -6.47
C PRO A 1621 -5.93 2.38 -5.61
N PRO A 1622 -4.91 3.02 -6.18
CA PRO A 1622 -3.73 3.37 -5.38
C PRO A 1622 -4.10 4.27 -4.22
N THR A 1623 -3.40 4.08 -3.10
CA THR A 1623 -3.66 4.86 -1.90
C THR A 1623 -3.43 6.34 -2.17
N VAL A 1624 -4.40 7.16 -1.78
CA VAL A 1624 -4.31 8.62 -1.93
C VAL A 1624 -4.90 9.26 -0.68
N LEU A 1625 -4.23 10.30 -0.19
CA LEU A 1625 -4.68 11.00 1.01
C LEU A 1625 -5.57 12.20 0.71
N SER A 1626 -5.53 12.73 -0.51
CA SER A 1626 -6.24 13.94 -0.88
C SER A 1626 -7.32 13.62 -1.90
N GLY A 1627 -8.56 14.01 -1.59
CA GLY A 1627 -9.62 13.91 -2.58
C GLY A 1627 -9.41 14.85 -3.74
N ALA A 1628 -8.87 16.05 -3.46
CA ALA A 1628 -8.57 16.99 -4.53
C ALA A 1628 -7.57 16.41 -5.51
N ALA A 1629 -6.53 15.74 -5.00
CA ALA A 1629 -5.57 15.09 -5.89
C ALA A 1629 -6.25 14.03 -6.74
N SER A 1630 -7.16 13.26 -6.15
CA SER A 1630 -7.90 12.27 -6.92
C SER A 1630 -8.72 12.94 -8.02
N ASN A 1631 -9.30 14.11 -7.72
CA ASN A 1631 -10.06 14.83 -8.75
C ASN A 1631 -9.19 15.16 -9.95
N PHE A 1632 -7.89 15.41 -9.74
CA PHE A 1632 -6.95 15.67 -10.81
C PHE A 1632 -6.36 14.38 -11.39
N LYS A 1633 -7.02 13.24 -11.18
CA LYS A 1633 -6.57 11.95 -11.70
C LYS A 1633 -5.23 11.52 -11.12
N TYR A 1634 -4.84 12.08 -9.98
CA TYR A 1634 -3.60 11.65 -9.33
C TYR A 1634 -3.70 10.20 -8.88
N ASN A 1635 -4.86 9.79 -8.38
CA ASN A 1635 -5.03 8.41 -7.95
C ASN A 1635 -4.81 7.43 -9.08
N GLN A 1636 -5.09 7.83 -10.32
CA GLN A 1636 -4.86 6.96 -11.46
C GLN A 1636 -3.38 6.62 -11.57
N SER A 1637 -3.09 5.34 -11.75
CA SER A 1637 -1.74 4.85 -11.85
C SER A 1637 -1.31 4.72 -13.31
N LEU A 1638 -0.01 4.49 -13.50
CA LEU A 1638 0.51 4.29 -14.85
C LEU A 1638 -0.12 3.07 -15.50
N PHE A 1639 -0.30 1.99 -14.74
CA PHE A 1639 -0.89 0.78 -15.30
C PHE A 1639 -2.26 1.05 -15.88
N VAL A 1640 -3.02 1.98 -15.31
CA VAL A 1640 -4.34 2.31 -15.84
C VAL A 1640 -4.21 2.89 -17.25
N ARG A 1641 -3.29 3.84 -17.42
CA ARG A 1641 -3.08 4.42 -18.75
C ARG A 1641 -2.57 3.37 -19.73
N MET A 1642 -1.67 2.49 -19.28
CA MET A 1642 -1.16 1.45 -20.16
C MET A 1642 -2.28 0.52 -20.60
N GLU A 1643 -3.18 0.15 -19.68
CA GLU A 1643 -4.32 -0.68 -20.03
C GLU A 1643 -5.23 0.05 -21.02
N LYS A 1644 -5.46 1.34 -20.81
CA LYS A 1644 -6.29 2.10 -21.74
C LYS A 1644 -5.68 2.10 -23.13
N ASN A 1645 -4.36 2.30 -23.23
CA ASN A 1645 -3.70 2.32 -24.53
C ASN A 1645 -3.78 0.95 -25.20
N SER A 1646 -3.56 -0.12 -24.44
CA SER A 1646 -3.60 -1.47 -24.99
C SER A 1646 -4.16 -2.41 -23.93
N SER A 1647 -4.88 -3.43 -24.40
CA SER A 1647 -5.53 -4.37 -23.49
C SER A 1647 -4.50 -5.35 -22.93
N PRO A 1648 -4.34 -5.45 -21.61
CA PRO A 1648 -3.42 -6.44 -21.05
C PRO A 1648 -3.90 -7.87 -21.28
N TYR A 1649 -3.13 -8.85 -20.81
CA TYR A 1649 -3.47 -10.26 -20.97
C TYR A 1649 -4.20 -10.72 -19.72
N LEU A 1650 -5.53 -10.58 -19.75
CA LEU A 1650 -6.35 -10.95 -18.59
C LEU A 1650 -6.29 -12.45 -18.35
N LEU A 1651 -6.16 -12.84 -17.09
CA LEU A 1651 -6.14 -14.24 -16.69
C LEU A 1651 -7.58 -14.71 -16.51
N ASP A 1652 -8.08 -15.51 -17.45
CA ASP A 1652 -9.48 -15.91 -17.43
C ASP A 1652 -9.76 -16.99 -16.39
N VAL A 1653 -8.78 -17.87 -16.13
CA VAL A 1653 -8.99 -19.03 -15.27
C VAL A 1653 -8.79 -18.64 -13.82
N GLN A 1654 -9.75 -18.99 -12.98
CA GLN A 1654 -9.64 -18.83 -11.53
C GLN A 1654 -10.08 -20.11 -10.85
N TYR A 1655 -9.44 -20.42 -9.72
CA TYR A 1655 -9.68 -21.66 -9.00
C TYR A 1655 -10.28 -21.44 -7.62
N ARG A 1656 -9.66 -20.60 -6.78
CA ARG A 1656 -10.14 -20.42 -5.42
C ARG A 1656 -11.55 -19.83 -5.40
N MET A 1657 -11.81 -18.86 -6.27
CA MET A 1657 -13.09 -18.16 -6.25
C MET A 1657 -14.21 -19.08 -6.73
N HIS A 1658 -15.30 -19.12 -5.99
CA HIS A 1658 -16.44 -19.93 -6.37
C HIS A 1658 -17.06 -19.36 -7.66
N PRO A 1659 -17.49 -20.23 -8.59
CA PRO A 1659 -18.07 -19.70 -9.83
C PRO A 1659 -19.26 -18.78 -9.60
N SER A 1660 -20.11 -19.09 -8.62
CA SER A 1660 -21.23 -18.21 -8.31
C SER A 1660 -20.74 -16.85 -7.84
N ILE A 1661 -19.70 -16.84 -7.00
CA ILE A 1661 -19.15 -15.58 -6.51
C ILE A 1661 -18.62 -14.74 -7.66
N SER A 1662 -17.89 -15.36 -8.58
CA SER A 1662 -17.30 -14.65 -9.72
C SER A 1662 -18.29 -14.38 -10.84
N LYS A 1663 -19.51 -14.91 -10.75
CA LYS A 1663 -20.50 -14.69 -11.80
C LYS A 1663 -20.78 -13.20 -11.99
N PHE A 1664 -21.31 -12.55 -10.96
CA PHE A 1664 -21.67 -11.13 -11.10
C PHE A 1664 -20.46 -10.26 -11.42
N PRO A 1665 -19.33 -10.37 -10.72
CA PRO A 1665 -18.15 -9.58 -11.13
C PRO A 1665 -17.74 -9.84 -12.57
N SER A 1666 -17.81 -11.09 -13.02
CA SER A 1666 -17.47 -11.40 -14.41
C SER A 1666 -18.45 -10.73 -15.36
N SER A 1667 -19.75 -10.79 -15.04
CA SER A 1667 -20.75 -10.21 -15.92
C SER A 1667 -20.62 -8.70 -16.01
N GLU A 1668 -20.33 -8.04 -14.88
CA GLU A 1668 -20.33 -6.58 -14.81
C GLU A 1668 -18.93 -6.00 -14.64
N PHE A 1669 -18.19 -6.41 -13.61
CA PHE A 1669 -16.92 -5.78 -13.32
C PHE A 1669 -15.88 -6.09 -14.40
N TYR A 1670 -15.75 -7.37 -14.75
CA TYR A 1670 -14.76 -7.79 -15.73
C TYR A 1670 -15.32 -7.86 -17.16
N GLN A 1671 -16.62 -7.61 -17.34
CA GLN A 1671 -17.24 -7.67 -18.66
C GLN A 1671 -16.95 -9.01 -19.34
N GLY A 1672 -17.03 -10.09 -18.56
CA GLY A 1672 -16.78 -11.41 -19.09
C GLY A 1672 -15.31 -11.77 -19.09
N ARG A 1673 -14.96 -12.72 -19.96
CA ARG A 1673 -13.60 -13.20 -20.12
C ARG A 1673 -13.09 -13.96 -18.90
N LEU A 1674 -13.98 -14.42 -18.04
CA LEU A 1674 -13.63 -15.23 -16.88
C LEU A 1674 -14.28 -16.59 -17.01
N LYS A 1675 -13.48 -17.64 -16.81
CA LYS A 1675 -13.94 -19.02 -16.90
C LYS A 1675 -13.62 -19.74 -15.60
N ASP A 1676 -14.61 -20.41 -15.04
CA ASP A 1676 -14.42 -21.14 -13.79
C ASP A 1676 -13.48 -22.33 -14.02
N GLY A 1677 -12.73 -22.66 -12.97
CA GLY A 1677 -11.80 -23.76 -13.03
C GLY A 1677 -12.49 -25.09 -12.91
N PRO A 1678 -11.69 -26.17 -12.97
CA PRO A 1678 -12.28 -27.51 -12.86
C PRO A 1678 -13.07 -27.72 -11.57
N GLY A 1679 -12.60 -27.13 -10.47
CA GLY A 1679 -13.29 -27.27 -9.19
C GLY A 1679 -14.44 -26.30 -9.03
N MET A 1680 -15.37 -26.32 -9.99
CA MET A 1680 -16.52 -25.42 -9.90
C MET A 1680 -17.36 -25.72 -8.67
N ASP A 1681 -17.58 -27.00 -8.36
CA ASP A 1681 -18.35 -27.38 -7.19
C ASP A 1681 -17.68 -28.53 -6.43
N ILE A 1682 -16.37 -28.69 -6.56
CA ILE A 1682 -15.65 -29.77 -5.90
C ILE A 1682 -14.73 -29.19 -4.84
N LEU A 1683 -15.13 -28.05 -4.27
CA LEU A 1683 -14.33 -27.40 -3.24
C LEU A 1683 -14.22 -28.30 -2.02
N ASN A 1684 -13.06 -28.26 -1.37
CA ASN A 1684 -12.84 -29.11 -0.20
C ASN A 1684 -13.81 -28.77 0.92
N LYS A 1685 -14.10 -27.48 1.12
CA LYS A 1685 -15.03 -27.04 2.15
C LYS A 1685 -16.47 -27.26 1.71
N ARG A 1686 -16.80 -28.53 1.50
CA ARG A 1686 -18.16 -28.89 1.09
C ARG A 1686 -19.23 -28.50 2.11
N PRO A 1687 -19.06 -28.75 3.41
CA PRO A 1687 -20.20 -28.58 4.34
C PRO A 1687 -20.67 -27.15 4.47
N TRP A 1688 -21.68 -26.94 5.33
CA TRP A 1688 -22.36 -25.66 5.50
C TRP A 1688 -22.75 -25.04 4.15
N HIS A 1689 -23.07 -25.89 3.18
CA HIS A 1689 -23.56 -25.43 1.88
C HIS A 1689 -24.88 -26.10 1.54
N GLN A 1690 -25.04 -27.37 1.96
CA GLN A 1690 -26.28 -28.09 1.68
C GLN A 1690 -27.45 -27.44 2.41
N LEU A 1691 -27.23 -27.01 3.66
CA LEU A 1691 -28.30 -26.39 4.43
C LEU A 1691 -28.86 -25.17 3.70
N GLU A 1692 -30.18 -25.06 3.67
CA GLU A 1692 -30.82 -23.95 2.98
C GLU A 1692 -30.39 -22.60 3.53
N PRO A 1693 -30.33 -22.38 4.84
CA PRO A 1693 -29.92 -21.05 5.34
C PRO A 1693 -28.55 -20.62 4.86
N LEU A 1694 -27.61 -21.55 4.71
CA LEU A 1694 -26.25 -21.22 4.31
C LEU A 1694 -26.05 -21.62 2.85
N ALA A 1695 -25.63 -20.66 2.03
CA ALA A 1695 -25.41 -20.86 0.61
C ALA A 1695 -24.10 -20.18 0.23
N PRO A 1696 -23.51 -20.56 -0.92
CA PRO A 1696 -22.26 -19.92 -1.32
C PRO A 1696 -22.35 -18.41 -1.40
N TYR A 1697 -23.49 -17.88 -1.85
CA TYR A 1697 -23.72 -16.44 -1.92
C TYR A 1697 -25.07 -16.11 -1.32
N LYS A 1698 -25.12 -15.10 -0.47
CA LYS A 1698 -26.36 -14.68 0.16
C LYS A 1698 -26.32 -13.17 0.36
N PHE A 1699 -27.51 -12.58 0.52
CA PHE A 1699 -27.66 -11.13 0.71
C PHE A 1699 -28.78 -10.92 1.74
N PHE A 1700 -28.39 -10.81 3.01
CA PHE A 1700 -29.33 -10.63 4.11
C PHE A 1700 -29.45 -9.14 4.39
N ASP A 1701 -30.46 -8.51 3.81
CA ASP A 1701 -30.71 -7.09 4.04
C ASP A 1701 -31.43 -6.89 5.38
N ILE A 1702 -31.40 -5.65 5.86
CA ILE A 1702 -32.05 -5.27 7.11
C ILE A 1702 -33.25 -4.40 6.77
N ILE A 1703 -34.42 -4.76 7.31
CA ILE A 1703 -35.63 -4.00 7.04
C ILE A 1703 -35.50 -2.59 7.62
N SER A 1704 -35.02 -2.49 8.86
CA SER A 1704 -34.87 -1.21 9.54
C SER A 1704 -33.48 -1.15 10.17
N GLY A 1705 -32.85 0.03 10.06
CA GLY A 1705 -31.54 0.24 10.65
C GLY A 1705 -31.17 1.70 10.72
N ARG A 1706 -30.71 2.14 11.90
CA ARG A 1706 -30.31 3.52 12.13
C ARG A 1706 -28.82 3.56 12.43
N GLN A 1707 -28.11 4.47 11.78
CA GLN A 1707 -26.67 4.62 11.96
C GLN A 1707 -26.40 5.98 12.61
N GLU A 1708 -25.54 5.97 13.63
CA GLU A 1708 -25.13 7.18 14.33
C GLU A 1708 -23.73 7.58 13.91
N GLN A 1709 -23.53 8.86 13.65
CA GLN A 1709 -22.24 9.39 13.19
C GLN A 1709 -21.56 10.13 14.34
N ASN A 1710 -20.29 9.79 14.57
CA ASN A 1710 -19.51 10.43 15.63
C ASN A 1710 -18.77 11.63 15.06
N ALA A 1711 -18.91 12.78 15.72
CA ALA A 1711 -18.27 13.99 15.24
C ALA A 1711 -16.75 13.86 15.23
N LYS A 1712 -16.18 13.26 16.27
CA LYS A 1712 -14.73 13.16 16.38
C LYS A 1712 -14.14 12.34 15.23
N THR A 1713 -14.77 11.22 14.88
CA THR A 1713 -14.27 10.34 13.84
C THR A 1713 -15.02 10.46 12.53
N MET A 1714 -16.23 11.02 12.54
CA MET A 1714 -17.06 11.15 11.34
C MET A 1714 -17.31 9.79 10.69
N SER A 1715 -17.42 8.75 11.50
CA SER A 1715 -17.63 7.38 11.03
C SER A 1715 -18.97 6.89 11.53
N TYR A 1716 -19.79 6.36 10.61
CA TYR A 1716 -21.09 5.84 10.97
C TYR A 1716 -20.96 4.50 11.67
N THR A 1717 -21.85 4.27 12.64
CA THR A 1717 -21.91 3.02 13.37
C THR A 1717 -23.37 2.59 13.50
N ASN A 1718 -23.64 1.33 13.17
CA ASN A 1718 -24.99 0.77 13.23
C ASN A 1718 -24.99 -0.49 14.07
N MET A 1719 -26.00 -0.64 14.91
CA MET A 1719 -26.09 -1.79 15.81
C MET A 1719 -26.81 -2.97 15.18
N GLU A 1720 -27.72 -2.72 14.23
CA GLU A 1720 -28.45 -3.82 13.60
C GLU A 1720 -27.49 -4.73 12.83
N GLU A 1721 -26.55 -4.15 12.10
CA GLU A 1721 -25.57 -4.96 11.37
C GLU A 1721 -24.75 -5.81 12.32
N ILE A 1722 -24.30 -5.22 13.42
CA ILE A 1722 -23.49 -5.97 14.39
C ILE A 1722 -24.29 -7.10 14.99
N ARG A 1723 -25.55 -6.84 15.36
CA ARG A 1723 -26.38 -7.88 15.94
C ARG A 1723 -26.62 -9.02 14.95
N VAL A 1724 -26.90 -8.68 13.68
CA VAL A 1724 -27.13 -9.70 12.68
C VAL A 1724 -25.88 -10.55 12.48
N ALA A 1725 -24.71 -9.89 12.39
CA ALA A 1725 -23.47 -10.63 12.22
C ALA A 1725 -23.20 -11.55 13.40
N ILE A 1726 -23.42 -11.06 14.62
CA ILE A 1726 -23.20 -11.87 15.81
C ILE A 1726 -24.14 -13.07 15.81
N GLU A 1727 -25.42 -12.85 15.47
CA GLU A 1727 -26.37 -13.96 15.45
C GLU A 1727 -25.97 -15.00 14.41
N LEU A 1728 -25.57 -14.56 13.22
CA LEU A 1728 -25.17 -15.51 12.18
C LEU A 1728 -23.94 -16.30 12.61
N VAL A 1729 -22.95 -15.62 13.20
CA VAL A 1729 -21.73 -16.31 13.64
C VAL A 1729 -22.07 -17.31 14.73
N ASP A 1730 -22.91 -16.92 15.69
CA ASP A 1730 -23.29 -17.84 16.75
C ASP A 1730 -24.01 -19.06 16.20
N TYR A 1731 -24.92 -18.86 15.25
CA TYR A 1731 -25.62 -19.98 14.64
C TYR A 1731 -24.66 -20.90 13.91
N LEU A 1732 -23.71 -20.33 13.15
CA LEU A 1732 -22.74 -21.15 12.45
C LEU A 1732 -21.89 -21.96 13.42
N PHE A 1733 -21.45 -21.32 14.50
CA PHE A 1733 -20.66 -22.04 15.50
C PHE A 1733 -21.46 -23.16 16.15
N ARG A 1734 -22.73 -22.90 16.47
CA ARG A 1734 -23.56 -23.93 17.09
C ARG A 1734 -23.75 -25.11 16.15
N LYS A 1735 -23.96 -24.83 14.86
CA LYS A 1735 -24.16 -25.93 13.91
C LYS A 1735 -22.91 -26.81 13.81
N PHE A 1736 -21.72 -26.20 13.82
CA PHE A 1736 -20.46 -26.92 13.64
C PHE A 1736 -19.47 -26.53 14.75
N ASP A 1737 -19.94 -26.56 15.99
CA ASP A 1737 -19.07 -26.19 17.11
C ASP A 1737 -17.86 -27.12 17.20
N ASN A 1738 -18.08 -28.43 17.07
CA ASN A 1738 -17.01 -29.41 17.20
C ASN A 1738 -16.70 -30.15 15.91
N LYS A 1739 -17.65 -30.24 14.98
CA LYS A 1739 -17.40 -30.96 13.74
C LYS A 1739 -16.27 -30.33 12.93
N ILE A 1740 -16.27 -29.00 12.84
CA ILE A 1740 -15.29 -28.28 12.04
C ILE A 1740 -14.79 -27.09 12.86
N ASP A 1741 -13.48 -26.84 12.78
CA ASP A 1741 -12.85 -25.73 13.49
C ASP A 1741 -12.73 -24.53 12.55
N PHE A 1742 -13.15 -23.37 13.03
CA PHE A 1742 -13.13 -22.14 12.25
C PHE A 1742 -11.89 -21.29 12.53
N THR A 1743 -10.77 -21.93 12.86
CA THR A 1743 -9.55 -21.21 13.16
C THR A 1743 -9.05 -20.52 11.90
N GLY A 1744 -9.15 -19.19 11.86
CA GLY A 1744 -8.69 -18.43 10.71
C GLY A 1744 -9.48 -18.73 9.45
N LYS A 1745 -10.79 -18.89 9.57
CA LYS A 1745 -11.65 -19.16 8.42
C LYS A 1745 -12.81 -18.19 8.27
N ILE A 1746 -13.09 -17.36 9.26
CA ILE A 1746 -14.19 -16.39 9.22
C ILE A 1746 -13.60 -15.00 9.30
N GLY A 1747 -13.96 -14.15 8.35
CA GLY A 1747 -13.48 -12.78 8.32
C GLY A 1747 -14.59 -11.77 8.12
N ILE A 1748 -14.75 -10.85 9.06
CA ILE A 1748 -15.77 -9.82 8.98
C ILE A 1748 -15.10 -8.51 8.55
N ILE A 1749 -15.65 -7.88 7.51
CA ILE A 1749 -15.10 -6.66 6.95
C ILE A 1749 -16.22 -5.65 6.76
N SER A 1750 -15.96 -4.41 7.15
CA SER A 1750 -16.88 -3.29 6.99
C SER A 1750 -16.14 -2.13 6.35
N PRO A 1751 -16.85 -1.29 5.58
CA PRO A 1751 -16.17 -0.12 4.98
C PRO A 1751 -15.55 0.81 6.01
N TYR A 1752 -16.16 0.95 7.18
CA TYR A 1752 -15.74 1.94 8.16
C TYR A 1752 -14.94 1.31 9.28
N ARG A 1753 -13.88 2.00 9.70
CA ARG A 1753 -13.02 1.49 10.77
C ARG A 1753 -13.77 1.41 12.10
N GLU A 1754 -14.58 2.44 12.40
CA GLU A 1754 -15.31 2.45 13.66
C GLU A 1754 -16.27 1.28 13.75
N GLN A 1755 -16.96 0.96 12.65
CA GLN A 1755 -17.87 -0.17 12.65
C GLN A 1755 -17.12 -1.48 12.91
N MET A 1756 -15.96 -1.65 12.28
CA MET A 1756 -15.18 -2.87 12.49
C MET A 1756 -14.70 -2.97 13.94
N GLN A 1757 -14.25 -1.84 14.51
CA GLN A 1757 -13.83 -1.86 15.91
C GLN A 1757 -14.98 -2.21 16.83
N LYS A 1758 -16.17 -1.64 16.57
CA LYS A 1758 -17.34 -1.96 17.38
C LYS A 1758 -17.69 -3.43 17.27
N MET A 1759 -17.63 -3.98 16.05
CA MET A 1759 -17.91 -5.41 15.86
C MET A 1759 -16.90 -6.26 16.64
N ARG A 1760 -15.62 -5.91 16.57
CA ARG A 1760 -14.62 -6.67 17.31
C ARG A 1760 -14.88 -6.60 18.80
N LYS A 1761 -15.21 -5.41 19.32
CA LYS A 1761 -15.48 -5.27 20.74
C LYS A 1761 -16.68 -6.10 21.16
N GLU A 1762 -17.76 -6.06 20.38
CA GLU A 1762 -18.96 -6.83 20.72
C GLU A 1762 -18.68 -8.32 20.67
N PHE A 1763 -17.96 -8.77 19.65
CA PHE A 1763 -17.63 -10.20 19.55
C PHE A 1763 -16.77 -10.64 20.72
N ALA A 1764 -15.79 -9.82 21.11
CA ALA A 1764 -14.97 -10.17 22.26
C ALA A 1764 -15.80 -10.22 23.54
N ARG A 1765 -16.72 -9.26 23.70
CA ARG A 1765 -17.56 -9.24 24.90
C ARG A 1765 -18.46 -10.47 24.96
N TYR A 1766 -19.03 -10.87 23.84
CA TYR A 1766 -19.99 -11.98 23.81
C TYR A 1766 -19.29 -13.33 23.70
N PHE A 1767 -18.52 -13.54 22.62
CA PHE A 1767 -17.88 -14.82 22.43
C PHE A 1767 -16.69 -15.01 23.36
N GLY A 1768 -15.89 -13.97 23.55
CA GLY A 1768 -14.75 -14.04 24.43
C GLY A 1768 -13.42 -14.01 23.69
N GLY A 1769 -12.43 -14.75 24.18
CA GLY A 1769 -11.12 -14.77 23.56
C GLY A 1769 -11.03 -15.58 22.29
N MET A 1770 -11.99 -16.48 22.06
CA MET A 1770 -11.95 -17.31 20.85
C MET A 1770 -11.98 -16.47 19.58
N ILE A 1771 -12.49 -15.24 19.66
CA ILE A 1771 -12.54 -14.38 18.48
C ILE A 1771 -11.15 -13.97 18.02
N ASN A 1772 -10.13 -14.15 18.86
CA ASN A 1772 -8.78 -13.75 18.49
C ASN A 1772 -8.30 -14.50 17.25
N LYS A 1773 -8.56 -15.80 17.19
CA LYS A 1773 -8.13 -16.65 16.08
C LYS A 1773 -9.27 -17.07 15.17
N SER A 1774 -10.42 -17.45 15.73
CA SER A 1774 -11.50 -17.96 14.90
C SER A 1774 -12.02 -16.90 13.94
N ILE A 1775 -12.17 -15.67 14.40
CA ILE A 1775 -12.75 -14.59 13.62
C ILE A 1775 -11.71 -13.50 13.43
N ASP A 1776 -11.63 -12.95 12.22
CA ASP A 1776 -10.70 -11.88 11.89
C ASP A 1776 -11.48 -10.63 11.54
N PHE A 1777 -11.24 -9.55 12.28
CA PHE A 1777 -11.90 -8.27 12.07
C PHE A 1777 -10.92 -7.28 11.47
N ASN A 1778 -11.28 -6.67 10.36
CA ASN A 1778 -10.41 -5.70 9.70
C ASN A 1778 -11.22 -5.00 8.61
N THR A 1779 -10.77 -3.80 8.25
CA THR A 1779 -11.45 -3.02 7.22
C THR A 1779 -11.26 -3.69 5.85
N ILE A 1780 -12.16 -3.33 4.93
CA ILE A 1780 -12.11 -3.93 3.59
C ILE A 1780 -10.78 -3.59 2.91
N ASP A 1781 -10.39 -2.31 2.98
CA ASP A 1781 -9.11 -1.91 2.38
C ASP A 1781 -7.95 -2.60 3.08
N GLY A 1782 -7.97 -2.64 4.41
CA GLY A 1782 -6.90 -3.32 5.13
C GLY A 1782 -6.92 -4.83 4.90
N PHE A 1783 -8.12 -5.41 4.83
CA PHE A 1783 -8.24 -6.86 4.62
C PHE A 1783 -7.77 -7.30 3.24
N GLN A 1784 -7.53 -6.36 2.33
CA GLN A 1784 -7.07 -6.72 0.99
C GLN A 1784 -5.79 -7.55 1.06
N GLY A 1785 -5.72 -8.58 0.22
CA GLY A 1785 -4.61 -9.50 0.23
C GLY A 1785 -4.81 -10.73 1.09
N GLN A 1786 -5.90 -10.79 1.85
CA GLN A 1786 -6.20 -11.94 2.71
C GLN A 1786 -7.48 -12.61 2.22
N GLU A 1787 -7.46 -13.93 2.16
CA GLU A 1787 -8.60 -14.72 1.71
C GLU A 1787 -9.02 -15.68 2.82
N LYS A 1788 -10.33 -15.78 3.03
CA LYS A 1788 -10.89 -16.65 4.06
C LYS A 1788 -12.08 -17.39 3.49
N GLU A 1789 -12.39 -18.54 4.11
CA GLU A 1789 -13.48 -19.37 3.61
C GLU A 1789 -14.82 -18.64 3.69
N ILE A 1790 -15.07 -17.95 4.80
CA ILE A 1790 -16.32 -17.24 5.02
C ILE A 1790 -15.99 -15.76 5.19
N ILE A 1791 -16.68 -14.91 4.42
CA ILE A 1791 -16.50 -13.46 4.47
C ILE A 1791 -17.84 -12.82 4.76
N LEU A 1792 -17.87 -11.95 5.78
CA LEU A 1792 -19.06 -11.21 6.17
C LEU A 1792 -18.83 -9.75 5.80
N ILE A 1793 -19.43 -9.31 4.70
CA ILE A 1793 -19.32 -7.94 4.23
C ILE A 1793 -20.48 -7.16 4.83
N SER A 1794 -20.19 -6.32 5.83
CA SER A 1794 -21.21 -5.55 6.53
C SER A 1794 -21.20 -4.13 6.02
N CYS A 1795 -22.35 -3.67 5.54
CA CYS A 1795 -22.51 -2.31 5.02
C CYS A 1795 -23.11 -1.42 6.10
N VAL A 1796 -22.48 -0.27 6.34
CA VAL A 1796 -22.93 0.63 7.39
C VAL A 1796 -24.01 1.60 6.89
N ARG A 1797 -24.02 1.90 5.60
CA ARG A 1797 -24.98 2.86 5.05
C ARG A 1797 -26.39 2.29 5.18
N ALA A 1798 -27.17 2.85 6.10
CA ALA A 1798 -28.53 2.38 6.34
C ALA A 1798 -29.57 3.50 6.25
N ASP A 1799 -29.24 4.69 6.73
CA ASP A 1799 -30.20 5.79 6.69
C ASP A 1799 -30.48 6.22 5.26
N ASP A 1800 -31.76 6.42 4.95
CA ASP A 1800 -32.19 6.85 3.63
C ASP A 1800 -32.41 8.36 3.54
N THR A 1801 -32.13 9.09 4.63
CA THR A 1801 -32.33 10.54 4.61
C THR A 1801 -31.43 11.21 3.58
N LYS A 1802 -30.17 10.78 3.50
CA LYS A 1802 -29.21 11.34 2.56
C LYS A 1802 -29.01 10.38 1.39
N SER A 1803 -29.18 10.89 0.17
CA SER A 1803 -29.02 10.07 -1.02
C SER A 1803 -27.57 9.70 -1.30
N SER A 1804 -26.61 10.32 -0.61
CA SER A 1804 -25.21 10.00 -0.84
C SER A 1804 -24.92 8.55 -0.50
N VAL A 1805 -24.08 7.91 -1.31
CA VAL A 1805 -23.71 6.52 -1.12
C VAL A 1805 -22.38 6.39 -0.40
N GLY A 1806 -21.37 7.14 -0.83
CA GLY A 1806 -20.07 7.09 -0.22
C GLY A 1806 -19.12 6.15 -0.91
N PHE A 1807 -18.23 5.51 -0.14
CA PHE A 1807 -17.28 4.57 -0.72
C PHE A 1807 -17.96 3.39 -1.38
N LEU A 1808 -19.19 3.05 -0.96
CA LEU A 1808 -19.90 1.93 -1.57
C LEU A 1808 -20.19 2.17 -3.04
N LYS A 1809 -20.23 3.44 -3.47
CA LYS A 1809 -20.50 3.73 -4.88
C LYS A 1809 -19.41 3.19 -5.79
N ASP A 1810 -18.15 3.32 -5.36
CA ASP A 1810 -17.03 2.86 -6.18
C ASP A 1810 -17.16 1.37 -6.47
N PHE A 1811 -16.98 1.00 -7.74
CA PHE A 1811 -17.05 -0.40 -8.14
C PHE A 1811 -15.82 -1.18 -7.72
N ARG A 1812 -14.66 -0.53 -7.67
CA ARG A 1812 -13.43 -1.23 -7.32
C ARG A 1812 -13.48 -1.76 -5.90
N ARG A 1813 -14.00 -0.96 -4.96
CA ARG A 1813 -14.10 -1.42 -3.58
C ARG A 1813 -15.05 -2.61 -3.46
N MET A 1814 -16.18 -2.56 -4.17
CA MET A 1814 -17.10 -3.69 -4.16
C MET A 1814 -16.46 -4.94 -4.74
N ASN A 1815 -15.71 -4.79 -5.84
CA ASN A 1815 -15.01 -5.93 -6.42
C ASN A 1815 -14.01 -6.51 -5.44
N VAL A 1816 -13.25 -5.65 -4.75
CA VAL A 1816 -12.28 -6.14 -3.77
C VAL A 1816 -12.98 -6.88 -2.66
N ALA A 1817 -14.08 -6.33 -2.15
CA ALA A 1817 -14.80 -6.97 -1.06
C ALA A 1817 -15.34 -8.33 -1.48
N LEU A 1818 -15.90 -8.42 -2.70
CA LEU A 1818 -16.50 -9.67 -3.14
C LEU A 1818 -15.45 -10.72 -3.48
N THR A 1819 -14.30 -10.31 -4.03
CA THR A 1819 -13.31 -11.25 -4.51
C THR A 1819 -12.45 -11.86 -3.41
N ARG A 1820 -12.51 -11.33 -2.19
CA ARG A 1820 -11.71 -11.86 -1.09
C ARG A 1820 -12.33 -13.09 -0.45
N ALA A 1821 -13.54 -13.49 -0.85
CA ALA A 1821 -14.18 -14.68 -0.33
C ALA A 1821 -13.90 -15.88 -1.23
N LYS A 1822 -14.02 -17.07 -0.65
CA LYS A 1822 -13.78 -18.32 -1.36
C LYS A 1822 -15.02 -19.20 -1.42
N THR A 1823 -15.71 -19.40 -0.30
CA THR A 1823 -16.84 -20.31 -0.24
C THR A 1823 -18.14 -19.64 0.16
N SER A 1824 -18.14 -18.85 1.23
CA SER A 1824 -19.36 -18.28 1.78
C SER A 1824 -19.23 -16.76 1.86
N ILE A 1825 -20.25 -16.06 1.37
CA ILE A 1825 -20.34 -14.60 1.44
C ILE A 1825 -21.65 -14.24 2.12
N TRP A 1826 -21.57 -13.43 3.17
CA TRP A 1826 -22.75 -12.92 3.88
C TRP A 1826 -22.75 -11.40 3.76
N VAL A 1827 -23.66 -10.86 2.96
CA VAL A 1827 -23.76 -9.44 2.71
C VAL A 1827 -24.84 -8.85 3.60
N LEU A 1828 -24.48 -7.84 4.39
CA LEU A 1828 -25.41 -7.18 5.30
C LEU A 1828 -25.49 -5.70 4.94
N GLY A 1829 -26.71 -5.17 4.86
CA GLY A 1829 -26.91 -3.78 4.52
C GLY A 1829 -28.37 -3.45 4.27
N HIS A 1830 -28.75 -2.18 4.50
CA HIS A 1830 -30.13 -1.78 4.28
C HIS A 1830 -30.49 -1.89 2.81
N GLN A 1831 -31.72 -2.35 2.54
CA GLN A 1831 -32.12 -2.62 1.17
C GLN A 1831 -32.21 -1.33 0.36
N ARG A 1832 -32.92 -0.32 0.88
CA ARG A 1832 -33.15 0.90 0.09
C ARG A 1832 -31.85 1.65 -0.17
N SER A 1833 -31.00 1.79 0.85
CA SER A 1833 -29.78 2.58 0.68
C SER A 1833 -28.90 1.98 -0.41
N LEU A 1834 -28.71 0.66 -0.39
CA LEU A 1834 -27.96 0.01 -1.45
C LEU A 1834 -28.69 0.13 -2.79
N ALA A 1835 -30.01 -0.05 -2.79
CA ALA A 1835 -30.77 0.03 -4.03
C ALA A 1835 -30.67 1.40 -4.69
N LYS A 1836 -30.34 2.44 -3.91
CA LYS A 1836 -30.18 3.77 -4.50
C LYS A 1836 -29.09 3.78 -5.55
N SER A 1837 -27.95 3.13 -5.27
CA SER A 1837 -26.86 3.11 -6.23
C SER A 1837 -27.17 2.19 -7.40
N LYS A 1838 -26.65 2.56 -8.57
CA LYS A 1838 -26.92 1.78 -9.78
C LYS A 1838 -26.27 0.40 -9.70
N LEU A 1839 -24.99 0.35 -9.34
CA LEU A 1839 -24.30 -0.93 -9.26
C LEU A 1839 -24.92 -1.83 -8.20
N TRP A 1840 -25.22 -1.27 -7.03
CA TRP A 1840 -25.87 -2.05 -5.99
C TRP A 1840 -27.29 -2.46 -6.39
N ARG A 1841 -28.00 -1.59 -7.11
CA ARG A 1841 -29.32 -1.99 -7.62
C ARG A 1841 -29.21 -3.18 -8.56
N ASP A 1842 -28.22 -3.15 -9.46
CA ASP A 1842 -28.02 -4.28 -10.36
C ASP A 1842 -27.65 -5.54 -9.59
N LEU A 1843 -26.81 -5.41 -8.57
CA LEU A 1843 -26.45 -6.56 -7.75
C LEU A 1843 -27.68 -7.14 -7.06
N ILE A 1844 -28.54 -6.29 -6.52
CA ILE A 1844 -29.75 -6.75 -5.85
C ILE A 1844 -30.67 -7.45 -6.85
N GLU A 1845 -30.80 -6.89 -8.06
CA GLU A 1845 -31.63 -7.52 -9.07
C GLU A 1845 -31.08 -8.90 -9.45
N ASP A 1846 -29.76 -9.01 -9.60
CA ASP A 1846 -29.17 -10.31 -9.90
C ASP A 1846 -29.39 -11.30 -8.77
N ALA A 1847 -29.26 -10.85 -7.53
CA ALA A 1847 -29.50 -11.72 -6.39
C ALA A 1847 -30.95 -12.20 -6.38
N LYS A 1848 -31.90 -11.31 -6.67
CA LYS A 1848 -33.30 -11.70 -6.76
C LYS A 1848 -33.50 -12.73 -7.87
N ASP A 1849 -32.84 -12.53 -9.01
CA ASP A 1849 -32.95 -13.49 -10.11
C ASP A 1849 -32.41 -14.86 -9.68
N ARG A 1850 -31.34 -14.87 -8.88
CA ARG A 1850 -30.75 -16.10 -8.39
C ARG A 1850 -31.37 -16.57 -7.08
N SER A 1851 -32.40 -15.88 -6.58
CA SER A 1851 -33.06 -16.24 -5.33
C SER A 1851 -32.10 -16.20 -4.16
N CYS A 1852 -31.12 -15.29 -4.20
CA CYS A 1852 -30.17 -15.12 -3.12
C CYS A 1852 -30.59 -14.05 -2.12
N LEU A 1853 -31.75 -13.46 -2.29
CA LEU A 1853 -32.24 -12.41 -1.39
C LEU A 1853 -33.12 -13.03 -0.30
N ALA A 1854 -32.78 -12.73 0.95
CA ALA A 1854 -33.54 -13.23 2.09
C ALA A 1854 -33.66 -12.11 3.13
N TYR A 1855 -34.89 -11.70 3.41
CA TYR A 1855 -35.11 -10.64 4.39
C TYR A 1855 -34.59 -11.07 5.75
N ALA A 1856 -33.84 -10.17 6.40
CA ALA A 1856 -33.25 -10.45 7.70
C ALA A 1856 -33.41 -9.24 8.60
N CYS A 1857 -33.39 -9.48 9.90
CA CYS A 1857 -33.51 -8.43 10.90
C CYS A 1857 -32.97 -8.98 12.22
N SER A 1858 -33.15 -8.22 13.30
CA SER A 1858 -32.70 -8.66 14.60
C SER A 1858 -33.39 -9.97 14.99
N GLY A 1859 -32.59 -10.92 15.47
CA GLY A 1859 -33.15 -12.21 15.83
C GLY A 1859 -33.78 -12.95 14.67
N PHE A 1860 -33.13 -12.92 13.50
CA PHE A 1860 -33.69 -13.62 12.34
C PHE A 1860 -33.81 -15.11 12.59
N LEU A 1861 -32.79 -15.72 13.19
CA LEU A 1861 -32.79 -17.14 13.51
C LEU A 1861 -33.20 -17.40 14.96
N ASP A 1862 -34.07 -16.57 15.51
CA ASP A 1862 -34.54 -16.70 16.89
C ASP A 1862 -36.07 -16.75 16.86
N PRO A 1863 -36.66 -17.93 16.70
CA PRO A 1863 -38.12 -18.01 16.67
C PRO A 1863 -38.79 -17.55 17.96
N ARG A 1864 -38.06 -17.52 19.08
CA ARG A 1864 -38.65 -17.08 20.34
C ARG A 1864 -39.09 -15.62 20.24
N ASN A 1865 -38.29 -14.77 19.60
CA ASN A 1865 -38.61 -13.35 19.45
C ASN A 1865 -39.70 -13.21 18.39
N ASN A 1866 -40.95 -13.13 18.84
CA ASN A 1866 -42.06 -12.99 17.91
C ASN A 1866 -42.04 -11.67 17.16
N ARG A 1867 -41.37 -10.65 17.71
CA ARG A 1867 -41.31 -9.35 17.03
C ARG A 1867 -40.61 -9.46 15.68
N ALA A 1868 -39.49 -10.20 15.64
CA ALA A 1868 -38.77 -10.35 14.38
C ALA A 1868 -39.63 -11.06 13.35
N GLN A 1869 -40.32 -12.13 13.75
CA GLN A 1869 -41.19 -12.85 12.82
C GLN A 1869 -42.31 -11.95 12.32
N SER A 1870 -42.92 -11.18 13.21
CA SER A 1870 -43.99 -10.27 12.80
C SER A 1870 -43.47 -9.23 11.81
N ILE A 1871 -42.29 -8.67 12.07
CA ILE A 1871 -41.72 -7.67 11.17
C ILE A 1871 -41.44 -8.30 9.81
N LEU A 1872 -40.88 -9.50 9.80
CA LEU A 1872 -40.60 -10.18 8.53
C LEU A 1872 -41.88 -10.43 7.75
N ARG A 1873 -42.93 -10.90 8.44
CA ARG A 1873 -44.20 -11.15 7.76
C ARG A 1873 -44.79 -9.86 7.21
N LYS A 1874 -44.76 -8.78 7.98
CA LYS A 1874 -45.31 -7.52 7.51
C LYS A 1874 -44.54 -7.00 6.30
N PHE A 1875 -43.21 -7.10 6.33
CA PHE A 1875 -42.40 -6.60 5.23
C PHE A 1875 -42.62 -7.38 3.94
N ASN A 1876 -43.11 -8.61 4.02
CA ASN A 1876 -43.36 -9.43 2.84
C ASN A 1876 -44.52 -8.86 2.04
#